data_2C4T
#
_entry.id   2C4T
#
_cell.length_a   76.319
_cell.length_b   129.505
_cell.length_c   182.845
_cell.angle_alpha   90.00
_cell.angle_beta   90.00
_cell.angle_gamma   90.00
#
_symmetry.space_group_name_H-M   'C 2 2 21'
#
loop_
_entity.id
_entity.type
_entity.pdbx_description
1 polymer "5'-FLUORO-5'-DEOXYADENOSINE SYNTHASE"
2 non-polymer "S-5'-AZAMETHIONINE-5'-DEOXYADENOSINE"
3 non-polymer 'CHLORIDE ION'
4 water water
#
_entity_poly.entity_id   1
_entity_poly.type   'polypeptide(L)'
_entity_poly.pdbx_seq_one_letter_code
;MAANSTRRPIIAFMSDLGTTDDSVAQCKGLMYSICPDVTVVDVCHSMTPWDVEEGARYIVDLPRFFPEGTVFATTTYPAT
GTTTRSVAVRIKQAAKGGARGQWAGSGAGFERAEGSYIYIAPNNGLLTTVLEEHGYLEAYEVTSPKVIPEQPEPTFYSRE
MVAIPSAHLAAGFPLSEVGRPLEDHEIVRFNRPAVEQDGEALVGVVSAIDHPFGNVWTNIHRTDLEKAGIGYGARLRLTL
DGVLPFEAPLTPTFADAGEIGNIAIYLNSRGYLSIARNAASLAYPYHLKEGMSARVEAR
;
_entity_poly.pdbx_strand_id   A,B,C
#
loop_
_chem_comp.id
_chem_comp.type
_chem_comp.name
_chem_comp.formula
CL non-polymer 'CHLORIDE ION' 'Cl -1'
SA8 non-polymer S-5'-AZAMETHIONINE-5'-DEOXYADENOSINE 'C15 H23 N7 O5'
#
# COMPACT_ATOMS: atom_id res chain seq x y z
N ARG A 8 4.90 -23.73 2.85
CA ARG A 8 4.36 -22.34 3.03
C ARG A 8 5.32 -21.20 2.53
N PRO A 9 5.71 -21.22 1.23
CA PRO A 9 6.75 -20.29 0.76
C PRO A 9 6.38 -18.80 0.75
N ILE A 10 7.39 -17.95 0.94
CA ILE A 10 7.24 -16.49 0.93
C ILE A 10 8.15 -15.83 -0.11
N ILE A 11 7.59 -14.88 -0.86
CA ILE A 11 8.40 -13.94 -1.65
C ILE A 11 8.17 -12.54 -1.12
N ALA A 12 9.25 -11.87 -0.74
CA ALA A 12 9.21 -10.48 -0.31
C ALA A 12 9.64 -9.57 -1.46
N PHE A 13 8.77 -8.63 -1.82
CA PHE A 13 8.83 -7.94 -3.10
C PHE A 13 9.09 -6.45 -2.90
N MET A 14 10.28 -6.02 -3.31
CA MET A 14 10.67 -4.61 -3.23
C MET A 14 10.89 -4.13 -4.66
N SER A 15 10.15 -3.10 -5.08
CA SER A 15 10.33 -2.57 -6.41
C SER A 15 10.26 -1.04 -6.46
N ASP A 16 10.42 -0.49 -7.66
CA ASP A 16 10.19 0.93 -7.94
C ASP A 16 8.92 1.14 -8.80
N LEU A 17 8.02 0.17 -8.74
CA LEU A 17 6.84 0.12 -9.61
C LEU A 17 5.75 1.09 -9.15
N GLY A 18 5.79 1.45 -7.88
CA GLY A 18 4.78 2.30 -7.28
C GLY A 18 3.56 1.49 -6.93
N THR A 19 2.56 2.15 -6.40
CA THR A 19 1.30 1.52 -6.04
C THR A 19 0.14 2.30 -6.67
N THR A 20 0.43 2.99 -7.78
CA THR A 20 -0.54 3.90 -8.40
C THR A 20 -1.26 3.29 -9.61
N ASP A 21 -0.82 2.12 -10.05
CA ASP A 21 -1.52 1.37 -11.08
C ASP A 21 -1.42 -0.12 -10.81
N ASP A 22 -1.69 -0.94 -11.82
CA ASP A 22 -1.72 -2.41 -11.67
C ASP A 22 -0.37 -3.14 -11.85
N SER A 23 0.72 -2.41 -11.97
CA SER A 23 2.04 -3.01 -12.21
C SER A 23 2.48 -4.10 -11.20
N VAL A 24 2.29 -3.84 -9.91
CA VAL A 24 2.64 -4.81 -8.86
C VAL A 24 1.72 -6.03 -8.88
N ALA A 25 0.41 -5.77 -9.00
CA ALA A 25 -0.64 -6.78 -9.20
C ALA A 25 -0.37 -7.75 -10.37
N GLN A 26 0.19 -7.25 -11.47
CA GLN A 26 0.54 -8.11 -12.62
C GLN A 26 1.63 -9.09 -12.24
N CYS A 27 2.61 -8.59 -11.51
CA CYS A 27 3.69 -9.40 -10.97
C CYS A 27 3.17 -10.44 -9.99
N LYS A 28 2.32 -10.03 -9.05
CA LYS A 28 1.75 -10.93 -8.05
C LYS A 28 0.92 -12.06 -8.68
N GLY A 29 0.00 -11.70 -9.58
CA GLY A 29 -0.78 -12.67 -10.33
C GLY A 29 0.09 -13.77 -10.92
N LEU A 30 1.19 -13.37 -11.57
CA LEU A 30 2.14 -14.33 -12.14
C LEU A 30 2.84 -15.16 -11.08
N MET A 31 3.12 -14.58 -9.91
CA MET A 31 3.76 -15.28 -8.79
C MET A 31 2.84 -16.34 -8.17
N TYR A 32 1.57 -15.97 -7.99
CA TYR A 32 0.52 -16.92 -7.59
C TYR A 32 0.25 -17.98 -8.65
N SER A 33 0.44 -17.62 -9.92
CA SER A 33 0.29 -18.58 -11.01
C SER A 33 1.37 -19.66 -10.95
N ILE A 34 2.63 -19.22 -10.83
CA ILE A 34 3.78 -20.14 -10.77
C ILE A 34 3.84 -20.90 -9.46
N CYS A 35 3.63 -20.20 -8.36
CA CYS A 35 3.72 -20.79 -7.03
C CYS A 35 2.40 -20.66 -6.29
N PRO A 36 1.47 -21.61 -6.48
CA PRO A 36 0.13 -21.56 -5.88
C PRO A 36 0.09 -21.42 -4.33
N ASP A 37 1.09 -21.98 -3.65
CA ASP A 37 1.15 -21.95 -2.18
C ASP A 37 1.84 -20.72 -1.58
N VAL A 38 2.24 -19.77 -2.43
CA VAL A 38 3.07 -18.64 -1.99
C VAL A 38 2.31 -17.54 -1.24
N THR A 39 2.97 -16.93 -0.27
CA THR A 39 2.55 -15.65 0.28
C THR A 39 3.48 -14.57 -0.27
N VAL A 40 2.90 -13.54 -0.88
CA VAL A 40 3.70 -12.42 -1.38
C VAL A 40 3.57 -11.28 -0.39
N VAL A 41 4.71 -10.91 0.18
CA VAL A 41 4.80 -9.84 1.17
C VAL A 41 5.40 -8.61 0.48
N ASP A 42 4.65 -7.51 0.48
CA ASP A 42 5.19 -6.25 -0.01
C ASP A 42 6.18 -5.66 0.99
N VAL A 43 7.38 -5.37 0.48
CA VAL A 43 8.38 -4.64 1.24
C VAL A 43 8.00 -3.17 1.09
N CYS A 44 8.27 -2.61 -0.09
CA CYS A 44 7.74 -1.30 -0.47
C CYS A 44 7.94 -1.07 -1.97
N HIS A 45 7.17 -0.16 -2.55
CA HIS A 45 7.23 0.11 -3.98
C HIS A 45 7.41 1.58 -4.33
N SER A 46 7.81 2.35 -3.33
CA SER A 46 7.85 3.79 -3.42
C SER A 46 9.25 4.38 -3.58
N MET A 47 10.28 3.53 -3.62
CA MET A 47 11.66 4.02 -3.79
C MET A 47 11.78 4.91 -5.03
N THR A 48 12.75 5.84 -4.98
CA THR A 48 13.08 6.68 -6.11
C THR A 48 13.58 5.76 -7.25
N PRO A 49 12.85 5.74 -8.36
CA PRO A 49 13.24 4.95 -9.51
C PRO A 49 14.72 5.16 -9.86
N TRP A 50 15.44 4.05 -10.11
CA TRP A 50 16.81 4.06 -10.64
C TRP A 50 17.86 4.47 -9.59
N ASP A 51 17.42 4.61 -8.33
CA ASP A 51 18.29 4.88 -7.22
C ASP A 51 18.65 3.55 -6.55
N VAL A 52 19.74 2.92 -7.00
CA VAL A 52 20.14 1.60 -6.50
C VAL A 52 20.54 1.64 -5.02
N GLU A 53 21.12 2.76 -4.61
CA GLU A 53 21.60 2.93 -3.23
C GLU A 53 20.44 2.97 -2.22
N GLU A 54 19.35 3.66 -2.60
CA GLU A 54 18.14 3.77 -1.79
C GLU A 54 17.40 2.42 -1.72
N GLY A 55 17.24 1.79 -2.89
CA GLY A 55 16.65 0.46 -2.99
C GLY A 55 17.38 -0.55 -2.13
N ALA A 56 18.71 -0.48 -2.12
CA ALA A 56 19.56 -1.31 -1.27
C ALA A 56 19.24 -1.16 0.24
N ARG A 57 19.09 0.08 0.70
CA ARG A 57 18.68 0.35 2.08
C ARG A 57 17.42 -0.40 2.54
N TYR A 58 16.49 -0.62 1.61
CA TYR A 58 15.19 -1.24 1.94
C TYR A 58 15.23 -2.76 1.96
N ILE A 59 16.33 -3.35 1.50
CA ILE A 59 16.42 -4.79 1.36
C ILE A 59 17.50 -5.45 2.22
N VAL A 60 18.48 -4.68 2.66
CA VAL A 60 19.68 -5.22 3.32
C VAL A 60 19.42 -5.83 4.71
N ASP A 61 18.41 -5.28 5.40
CA ASP A 61 18.14 -5.60 6.80
C ASP A 61 17.12 -6.70 6.99
N LEU A 62 16.58 -7.20 5.89
CA LEU A 62 15.40 -8.07 5.88
C LEU A 62 15.58 -9.53 6.33
N PRO A 63 16.70 -10.19 5.96
CA PRO A 63 16.75 -11.66 6.14
C PRO A 63 16.41 -12.21 7.53
N ARG A 64 16.91 -11.57 8.59
CA ARG A 64 16.75 -12.09 9.97
C ARG A 64 15.30 -12.12 10.46
N PHE A 65 14.47 -11.27 9.85
CA PHE A 65 13.04 -11.18 10.16
C PHE A 65 12.18 -12.24 9.48
N PHE A 66 12.69 -12.83 8.40
CA PHE A 66 11.89 -13.75 7.59
C PHE A 66 12.18 -15.22 7.85
N PRO A 67 11.19 -16.10 7.61
CA PRO A 67 11.42 -17.53 7.76
C PRO A 67 12.44 -18.04 6.76
N GLU A 68 13.17 -19.09 7.12
CA GLU A 68 14.18 -19.66 6.25
C GLU A 68 13.53 -20.17 4.95
N GLY A 69 14.21 -19.98 3.81
CA GLY A 69 13.63 -20.33 2.51
C GLY A 69 12.96 -19.19 1.77
N THR A 70 12.82 -18.04 2.43
CA THR A 70 12.23 -16.84 1.83
C THR A 70 13.07 -16.33 0.65
N VAL A 71 12.38 -15.96 -0.44
CA VAL A 71 13.02 -15.32 -1.60
C VAL A 71 12.73 -13.83 -1.57
N PHE A 72 13.76 -13.03 -1.78
CA PHE A 72 13.61 -11.58 -1.84
C PHE A 72 13.70 -11.15 -3.29
N ALA A 73 12.58 -10.68 -3.82
CA ALA A 73 12.51 -10.19 -5.19
C ALA A 73 12.63 -8.68 -5.12
N THR A 74 13.77 -8.17 -5.58
CA THR A 74 14.13 -6.78 -5.34
C THR A 74 14.55 -6.11 -6.66
N THR A 75 13.82 -5.05 -7.07
CA THR A 75 14.02 -4.49 -8.41
C THR A 75 13.78 -2.99 -8.65
N THR A 76 14.82 -2.31 -9.12
CA THR A 76 14.72 -1.10 -9.93
C THR A 76 15.46 -1.46 -11.22
N TYR A 77 14.85 -1.23 -12.38
CA TYR A 77 15.46 -1.77 -13.62
C TYR A 77 15.66 -0.77 -14.76
N PRO A 78 16.53 0.25 -14.58
CA PRO A 78 16.78 1.18 -15.70
C PRO A 78 17.34 0.54 -16.99
N ALA A 79 18.01 -0.62 -16.87
CA ALA A 79 18.54 -1.30 -18.06
C ALA A 79 17.56 -2.34 -18.61
N THR A 80 16.28 -2.16 -18.27
CA THR A 80 15.21 -3.03 -18.77
C THR A 80 15.17 -3.03 -20.30
N GLY A 81 15.01 -4.22 -20.87
CA GLY A 81 15.00 -4.39 -22.33
C GLY A 81 16.35 -4.55 -23.03
N THR A 82 17.44 -4.49 -22.26
CA THR A 82 18.77 -4.68 -22.81
C THR A 82 19.22 -6.13 -22.61
N THR A 83 20.43 -6.45 -23.05
CA THR A 83 20.98 -7.80 -22.95
C THR A 83 21.35 -8.21 -21.51
N THR A 84 21.37 -7.25 -20.60
CA THR A 84 21.58 -7.54 -19.18
C THR A 84 20.60 -8.61 -18.66
N ARG A 85 21.10 -9.42 -17.74
CA ARG A 85 20.31 -10.46 -17.11
C ARG A 85 20.45 -10.35 -15.59
N SER A 86 19.42 -10.78 -14.87
CA SER A 86 19.43 -10.74 -13.41
C SER A 86 20.48 -11.66 -12.81
N VAL A 87 20.83 -11.36 -11.57
CA VAL A 87 21.62 -12.26 -10.71
C VAL A 87 20.69 -12.83 -9.63
N ALA A 88 20.86 -14.13 -9.33
CA ALA A 88 20.19 -14.76 -8.19
C ALA A 88 21.25 -15.34 -7.25
N VAL A 89 21.14 -15.00 -5.97
CA VAL A 89 22.19 -15.28 -4.98
C VAL A 89 21.62 -15.93 -3.73
N ARG A 90 22.31 -16.95 -3.25
CA ARG A 90 22.03 -17.48 -1.93
C ARG A 90 23.05 -16.83 -1.00
N ILE A 91 22.54 -16.02 -0.07
CA ILE A 91 23.38 -15.35 0.92
C ILE A 91 23.90 -16.34 1.95
N LYS A 92 24.96 -15.96 2.66
CA LYS A 92 25.59 -16.84 3.63
C LYS A 92 24.99 -16.64 5.03
N GLN A 93 25.33 -15.54 5.70
CA GLN A 93 24.85 -15.27 7.06
C GLN A 93 23.62 -14.36 7.05
N ALA A 94 22.56 -14.80 7.74
CA ALA A 94 21.32 -14.01 7.86
C ALA A 94 21.59 -12.68 8.52
N ALA A 95 22.64 -12.66 9.35
CA ALA A 95 23.16 -11.48 10.03
C ALA A 95 22.23 -10.84 11.06
N LYS A 96 22.67 -10.85 12.31
CA LYS A 96 22.11 -10.02 13.36
C LYS A 96 22.04 -8.55 12.93
N GLY A 97 21.28 -7.75 13.65
CA GLY A 97 21.17 -6.33 13.38
C GLY A 97 20.58 -5.55 14.53
N GLY A 98 20.11 -4.34 14.22
CA GLY A 98 19.56 -3.46 15.23
C GLY A 98 20.64 -2.58 15.80
N ALA A 99 20.29 -1.79 16.81
CA ALA A 99 21.22 -0.89 17.49
C ALA A 99 22.25 -1.63 18.35
N ARG A 100 21.92 -2.87 18.72
CA ARG A 100 22.76 -3.69 19.60
C ARG A 100 23.44 -4.87 18.86
N GLY A 101 22.87 -5.27 17.72
CA GLY A 101 23.35 -6.45 17.01
C GLY A 101 22.84 -7.72 17.67
N GLN A 102 21.68 -8.19 17.22
CA GLN A 102 21.00 -9.34 17.83
C GLN A 102 20.07 -10.03 16.81
N TRP A 103 19.61 -11.24 17.11
CA TRP A 103 18.54 -11.86 16.32
C TRP A 103 17.20 -11.19 16.63
N ALA A 104 16.33 -11.14 15.63
CA ALA A 104 15.04 -10.52 15.78
C ALA A 104 14.02 -11.56 16.24
N GLY A 105 12.98 -11.10 16.94
CA GLY A 105 11.91 -11.97 17.43
C GLY A 105 11.79 -11.99 18.93
N SER A 106 10.77 -12.69 19.43
CA SER A 106 10.56 -12.87 20.85
C SER A 106 11.68 -13.69 21.50
N GLY A 107 11.78 -13.59 22.82
CA GLY A 107 12.77 -14.34 23.58
C GLY A 107 14.18 -13.89 23.29
N ALA A 108 15.06 -14.86 23.02
CA ALA A 108 16.44 -14.59 22.63
C ALA A 108 16.57 -14.26 21.14
N GLY A 109 15.43 -14.18 20.44
CA GLY A 109 15.40 -13.94 19.00
C GLY A 109 15.35 -15.24 18.22
N PHE A 110 15.09 -15.14 16.93
CA PHE A 110 15.05 -16.32 16.07
C PHE A 110 16.36 -16.42 15.30
N GLU A 111 17.17 -17.40 15.67
CA GLU A 111 18.42 -17.65 14.98
C GLU A 111 18.14 -18.30 13.64
N ARG A 112 18.75 -17.75 12.60
CA ARG A 112 18.58 -18.24 11.25
C ARG A 112 19.81 -19.00 10.79
N ALA A 113 19.58 -20.14 10.15
CA ALA A 113 20.63 -20.99 9.62
C ALA A 113 21.32 -20.27 8.46
N GLU A 114 22.57 -20.63 8.20
CA GLU A 114 23.30 -20.10 7.05
C GLU A 114 22.71 -20.62 5.74
N GLY A 115 22.91 -19.87 4.66
CA GLY A 115 22.43 -20.24 3.32
C GLY A 115 20.92 -20.36 3.16
N SER A 116 20.18 -19.54 3.89
CA SER A 116 18.74 -19.76 4.00
C SER A 116 17.87 -18.75 3.25
N TYR A 117 18.51 -17.81 2.56
CA TYR A 117 17.76 -16.80 1.82
C TYR A 117 18.35 -16.64 0.43
N ILE A 118 17.45 -16.41 -0.54
CA ILE A 118 17.85 -16.06 -1.91
C ILE A 118 17.33 -14.66 -2.24
N TYR A 119 18.20 -13.85 -2.83
CA TYR A 119 17.83 -12.58 -3.43
C TYR A 119 17.91 -12.74 -4.94
N ILE A 120 16.92 -12.20 -5.64
CA ILE A 120 16.97 -12.12 -7.11
C ILE A 120 16.78 -10.66 -7.50
N ALA A 121 17.69 -10.16 -8.34
CA ALA A 121 17.78 -8.73 -8.60
C ALA A 121 18.46 -8.43 -9.91
N PRO A 122 18.14 -7.27 -10.52
CA PRO A 122 18.94 -6.77 -11.62
C PRO A 122 20.41 -6.82 -11.23
N ASN A 123 21.29 -7.14 -12.17
CA ASN A 123 22.71 -7.12 -11.90
C ASN A 123 23.22 -5.71 -12.16
N ASN A 124 22.73 -4.76 -11.37
CA ASN A 124 23.03 -3.34 -11.55
C ASN A 124 23.60 -2.67 -10.30
N GLY A 125 23.88 -3.48 -9.27
CA GLY A 125 24.48 -2.97 -8.05
C GLY A 125 23.52 -2.96 -6.87
N LEU A 126 22.26 -3.34 -7.10
CA LEU A 126 21.24 -3.29 -6.05
C LEU A 126 21.62 -4.13 -4.83
N LEU A 127 22.32 -5.24 -5.06
CA LEU A 127 22.68 -6.17 -3.98
C LEU A 127 24.01 -5.85 -3.28
N THR A 128 24.60 -4.69 -3.56
CA THR A 128 25.94 -4.36 -3.06
C THR A 128 26.09 -4.55 -1.55
N THR A 129 25.19 -3.95 -0.79
CA THR A 129 25.21 -4.02 0.68
C THR A 129 24.65 -5.36 1.20
N VAL A 130 23.78 -6.01 0.43
CA VAL A 130 23.37 -7.39 0.74
C VAL A 130 24.59 -8.31 0.80
N LEU A 131 25.42 -8.26 -0.23
CA LEU A 131 26.58 -9.15 -0.33
C LEU A 131 27.63 -8.77 0.72
N GLU A 132 27.82 -7.48 0.95
CA GLU A 132 28.80 -7.03 1.93
C GLU A 132 28.47 -7.46 3.37
N GLU A 133 27.20 -7.38 3.71
CA GLU A 133 26.75 -7.66 5.07
C GLU A 133 26.34 -9.09 5.33
N HIS A 134 25.86 -9.78 4.30
CA HIS A 134 25.45 -11.18 4.44
C HIS A 134 26.38 -12.21 3.82
N GLY A 135 27.27 -11.77 2.93
CA GLY A 135 28.05 -12.69 2.12
C GLY A 135 27.17 -13.51 1.19
N TYR A 136 27.77 -14.42 0.44
CA TYR A 136 27.02 -15.35 -0.39
C TYR A 136 27.76 -16.67 -0.62
N LEU A 137 26.97 -17.71 -0.86
CA LEU A 137 27.48 -19.05 -1.09
C LEU A 137 27.57 -19.37 -2.58
N GLU A 138 26.61 -18.86 -3.35
CA GLU A 138 26.56 -19.06 -4.80
C GLU A 138 25.75 -17.95 -5.49
N ALA A 139 26.07 -17.68 -6.75
CA ALA A 139 25.44 -16.63 -7.55
C ALA A 139 25.33 -17.07 -9.02
N TYR A 140 24.16 -16.86 -9.62
CA TYR A 140 23.90 -17.30 -11.00
C TYR A 140 23.21 -16.23 -11.84
N GLU A 141 23.55 -16.21 -13.12
CA GLU A 141 22.91 -15.34 -14.08
C GLU A 141 21.55 -15.95 -14.42
N VAL A 142 20.51 -15.14 -14.53
CA VAL A 142 19.16 -15.66 -14.75
C VAL A 142 18.79 -15.60 -16.23
N THR A 143 18.89 -16.75 -16.91
CA THR A 143 18.73 -16.83 -18.36
C THR A 143 17.86 -17.97 -18.88
N SER A 144 17.57 -18.96 -18.02
CA SER A 144 16.85 -20.16 -18.46
C SER A 144 15.39 -19.84 -18.73
N PRO A 145 14.90 -20.22 -19.94
CA PRO A 145 13.52 -19.92 -20.34
C PRO A 145 12.50 -20.74 -19.55
N LYS A 146 12.98 -21.52 -18.59
CA LYS A 146 12.13 -22.22 -17.62
C LYS A 146 11.77 -21.28 -16.46
N VAL A 147 12.53 -20.20 -16.29
CA VAL A 147 12.28 -19.25 -15.22
C VAL A 147 12.02 -17.83 -15.72
N ILE A 148 12.40 -17.55 -16.97
CA ILE A 148 12.12 -16.23 -17.57
C ILE A 148 11.38 -16.37 -18.91
N PRO A 149 10.70 -15.31 -19.39
CA PRO A 149 10.01 -15.39 -20.69
C PRO A 149 10.94 -15.57 -21.89
N GLU A 150 10.51 -16.37 -22.87
CA GLU A 150 11.21 -16.51 -24.15
C GLU A 150 11.22 -15.18 -24.90
N GLN A 151 10.15 -14.41 -24.73
CA GLN A 151 10.04 -13.10 -25.34
C GLN A 151 9.68 -12.05 -24.27
N PRO A 152 10.68 -11.65 -23.47
CA PRO A 152 10.43 -10.73 -22.35
C PRO A 152 10.00 -9.35 -22.84
N GLU A 153 9.08 -8.75 -22.10
CA GLU A 153 8.60 -7.42 -22.38
C GLU A 153 9.76 -6.47 -22.19
N PRO A 154 10.13 -5.74 -23.26
CA PRO A 154 11.31 -4.85 -23.22
C PRO A 154 11.29 -3.84 -22.06
N THR A 155 10.16 -3.22 -21.80
CA THR A 155 10.08 -2.22 -20.74
C THR A 155 9.59 -2.75 -19.38
N PHE A 156 9.50 -4.07 -19.19
CA PHE A 156 9.03 -4.60 -17.89
C PHE A 156 9.89 -5.75 -17.34
N TYR A 157 11.21 -5.56 -17.32
CA TYR A 157 12.15 -6.59 -16.81
C TYR A 157 11.98 -6.87 -15.31
N SER A 158 11.47 -5.88 -14.56
CA SER A 158 11.09 -6.07 -13.14
C SER A 158 10.11 -7.24 -12.91
N ARG A 159 9.28 -7.48 -13.91
CA ARG A 159 8.35 -8.58 -13.90
C ARG A 159 8.98 -9.81 -14.58
N GLU A 160 9.55 -9.63 -15.77
CA GLU A 160 10.09 -10.74 -16.59
C GLU A 160 11.31 -11.39 -15.97
N MET A 161 12.22 -10.56 -15.45
CA MET A 161 13.54 -11.00 -15.00
C MET A 161 13.70 -11.02 -13.48
N VAL A 162 12.64 -10.68 -12.75
CA VAL A 162 12.71 -10.71 -11.29
C VAL A 162 11.50 -11.38 -10.67
N ALA A 163 10.31 -10.83 -10.89
CA ALA A 163 9.09 -11.35 -10.25
C ALA A 163 8.84 -12.79 -10.70
N ILE A 164 8.84 -13.01 -12.01
CA ILE A 164 8.61 -14.36 -12.57
C ILE A 164 9.60 -15.41 -12.07
N PRO A 165 10.93 -15.22 -12.28
CA PRO A 165 11.86 -16.24 -11.76
C PRO A 165 11.91 -16.36 -10.23
N SER A 166 11.58 -15.30 -9.51
CA SER A 166 11.47 -15.36 -8.04
C SER A 166 10.40 -16.36 -7.60
N ALA A 167 9.32 -16.43 -8.39
CA ALA A 167 8.21 -17.35 -8.12
C ALA A 167 8.57 -18.80 -8.44
N HIS A 168 9.43 -19.00 -9.44
CA HIS A 168 9.93 -20.34 -9.74
C HIS A 168 10.85 -20.84 -8.63
N LEU A 169 11.68 -19.94 -8.11
CA LEU A 169 12.53 -20.25 -6.97
C LEU A 169 11.73 -20.52 -5.69
N ALA A 170 10.65 -19.76 -5.48
CA ALA A 170 9.71 -20.03 -4.39
C ALA A 170 9.05 -21.41 -4.56
N ALA A 171 8.81 -21.76 -5.83
CA ALA A 171 8.17 -23.01 -6.25
C ALA A 171 9.09 -24.22 -6.30
N GLY A 172 10.38 -24.02 -6.02
CA GLY A 172 11.31 -25.15 -5.83
C GLY A 172 12.27 -25.43 -6.98
N PHE A 173 12.24 -24.58 -7.99
CA PHE A 173 13.19 -24.69 -9.11
C PHE A 173 14.60 -24.54 -8.55
N PRO A 174 15.50 -25.48 -8.90
CA PRO A 174 16.88 -25.46 -8.41
C PRO A 174 17.61 -24.17 -8.75
N LEU A 175 18.08 -23.47 -7.72
CA LEU A 175 18.84 -22.23 -7.89
C LEU A 175 19.92 -22.38 -8.96
N SER A 176 20.71 -23.46 -8.89
CA SER A 176 21.83 -23.68 -9.84
C SER A 176 21.43 -23.85 -11.32
N GLU A 177 20.13 -24.02 -11.59
CA GLU A 177 19.64 -24.24 -12.95
C GLU A 177 19.09 -22.95 -13.64
N VAL A 178 19.08 -21.81 -12.96
CA VAL A 178 18.55 -20.57 -13.54
C VAL A 178 19.43 -20.02 -14.68
N GLY A 179 20.73 -20.30 -14.59
CA GLY A 179 21.71 -19.93 -15.59
C GLY A 179 23.08 -20.31 -15.08
N ARG A 180 24.11 -19.95 -15.82
CA ARG A 180 25.51 -20.24 -15.45
C ARG A 180 25.93 -19.51 -14.15
N PRO A 181 26.93 -20.04 -13.43
CA PRO A 181 27.50 -19.33 -12.28
C PRO A 181 28.14 -17.97 -12.65
N LEU A 182 27.92 -16.98 -11.80
CA LEU A 182 28.61 -15.69 -11.92
C LEU A 182 29.78 -15.60 -10.95
N GLU A 183 30.97 -15.34 -11.51
CA GLU A 183 32.14 -15.04 -10.71
C GLU A 183 31.95 -13.68 -10.04
N ASP A 184 32.69 -13.43 -8.96
CA ASP A 184 32.49 -12.26 -8.12
C ASP A 184 32.60 -10.92 -8.87
N HIS A 185 33.61 -10.80 -9.73
CA HIS A 185 33.85 -9.56 -10.48
C HIS A 185 32.78 -9.29 -11.53
N GLU A 186 31.92 -10.28 -11.76
CA GLU A 186 30.82 -10.19 -12.72
C GLU A 186 29.56 -9.64 -12.06
N ILE A 187 29.56 -9.59 -10.72
CA ILE A 187 28.44 -9.00 -9.98
C ILE A 187 28.73 -7.52 -9.77
N VAL A 188 27.90 -6.69 -10.39
CA VAL A 188 28.00 -5.23 -10.29
C VAL A 188 27.81 -4.74 -8.85
N ARG A 189 28.63 -3.76 -8.49
CA ARG A 189 28.70 -3.16 -7.16
C ARG A 189 28.65 -1.64 -7.29
N PHE A 190 27.89 -0.97 -6.43
CA PHE A 190 28.06 0.48 -6.29
C PHE A 190 29.12 0.82 -5.25
N ASN A 191 29.69 2.02 -5.35
CA ASN A 191 30.68 2.52 -4.40
C ASN A 191 30.00 3.04 -3.14
N ARG A 192 30.46 2.55 -1.98
CA ARG A 192 30.00 3.04 -0.70
C ARG A 192 31.01 4.01 -0.09
N PRO A 193 30.70 5.32 -0.11
CA PRO A 193 31.58 6.31 0.51
C PRO A 193 31.82 5.95 1.96
N ALA A 194 33.08 5.96 2.37
CA ALA A 194 33.46 5.60 3.73
C ALA A 194 33.24 6.77 4.70
N VAL A 195 33.10 6.43 5.97
CA VAL A 195 33.05 7.45 7.03
C VAL A 195 34.48 7.90 7.26
N GLU A 196 34.70 9.21 7.09
CA GLU A 196 36.03 9.80 7.21
C GLU A 196 36.28 10.29 8.64
N GLN A 197 37.51 10.09 9.10
CA GLN A 197 37.95 10.60 10.41
C GLN A 197 38.61 11.96 10.21
N ASP A 198 38.24 12.91 11.06
CA ASP A 198 38.71 14.28 10.90
C ASP A 198 39.15 14.85 12.26
N GLY A 199 40.33 14.43 12.70
CA GLY A 199 40.79 14.72 14.04
C GLY A 199 40.00 13.85 15.00
N GLU A 200 39.11 14.50 15.76
CA GLU A 200 38.27 13.81 16.74
C GLU A 200 36.88 13.53 16.16
N ALA A 201 36.51 14.31 15.15
CA ALA A 201 35.21 14.19 14.50
C ALA A 201 35.10 12.99 13.55
N LEU A 202 33.91 12.39 13.52
CA LEU A 202 33.54 11.43 12.47
C LEU A 202 32.66 12.14 11.44
N VAL A 203 33.10 12.11 10.19
CA VAL A 203 32.44 12.85 9.11
C VAL A 203 31.83 11.90 8.09
N GLY A 204 30.52 12.00 7.93
CA GLY A 204 29.79 11.20 6.98
C GLY A 204 28.65 11.99 6.38
N VAL A 205 27.50 11.33 6.25
CA VAL A 205 26.41 11.86 5.44
C VAL A 205 25.02 11.58 6.03
N VAL A 206 24.04 12.41 5.67
CA VAL A 206 22.65 12.07 5.92
C VAL A 206 22.23 11.06 4.85
N SER A 207 22.01 9.81 5.28
CA SER A 207 21.79 8.70 4.37
C SER A 207 20.33 8.56 3.94
N ALA A 208 19.44 9.06 4.80
CA ALA A 208 18.01 8.98 4.60
C ALA A 208 17.30 9.85 5.61
N ILE A 209 16.19 10.42 5.18
CA ILE A 209 15.21 10.99 6.09
C ILE A 209 14.26 9.83 6.47
N ASP A 210 14.02 9.66 7.76
CA ASP A 210 13.18 8.58 8.27
C ASP A 210 11.69 8.97 8.18
N HIS A 211 11.05 8.63 7.07
CA HIS A 211 9.62 8.90 6.86
C HIS A 211 8.81 7.81 7.56
N PRO A 212 7.61 8.17 8.07
CA PRO A 212 6.90 9.44 8.01
C PRO A 212 7.19 10.40 9.14
N PHE A 213 8.21 10.13 9.94
CA PHE A 213 8.45 10.92 11.16
C PHE A 213 9.31 12.16 10.91
N GLY A 214 10.25 12.04 9.97
CA GLY A 214 11.22 13.11 9.74
C GLY A 214 12.41 13.03 10.67
N ASN A 215 12.72 11.83 11.14
CA ASN A 215 13.98 11.60 11.83
C ASN A 215 15.13 11.66 10.81
N VAL A 216 16.34 11.97 11.26
CA VAL A 216 17.50 12.06 10.36
C VAL A 216 18.48 10.91 10.59
N TRP A 217 18.72 10.11 9.54
CA TRP A 217 19.63 8.97 9.59
C TRP A 217 20.96 9.32 8.93
N THR A 218 22.07 8.95 9.58
CA THR A 218 23.41 9.12 9.03
C THR A 218 24.01 7.76 8.62
N ASN A 219 25.08 7.79 7.84
CA ASN A 219 25.82 6.57 7.51
C ASN A 219 26.93 6.25 8.52
N ILE A 220 26.89 6.92 9.67
CA ILE A 220 27.83 6.67 10.75
C ILE A 220 27.27 5.53 11.60
N HIS A 221 27.91 4.37 11.48
CA HIS A 221 27.48 3.12 12.10
C HIS A 221 27.88 3.07 13.58
N ARG A 222 27.19 2.23 14.34
CA ARG A 222 27.57 1.99 15.74
C ARG A 222 29.03 1.52 15.86
N THR A 223 29.50 0.73 14.89
CA THR A 223 30.90 0.30 14.90
C THR A 223 31.86 1.48 14.77
N ASP A 224 31.50 2.47 13.93
CA ASP A 224 32.28 3.71 13.81
C ASP A 224 32.30 4.45 15.16
N LEU A 225 31.19 4.41 15.87
CA LEU A 225 31.08 5.06 17.19
C LEU A 225 31.89 4.37 18.29
N GLU A 226 31.79 3.04 18.37
CA GLU A 226 32.47 2.28 19.42
C GLU A 226 33.98 2.13 19.19
N LYS A 227 34.43 2.47 17.98
CA LYS A 227 35.88 2.55 17.71
C LYS A 227 36.40 3.95 18.01
N ALA A 228 35.49 4.92 18.11
CA ALA A 228 35.84 6.29 18.56
C ALA A 228 35.75 6.41 20.09
N GLY A 229 35.24 5.35 20.72
CA GLY A 229 35.04 5.30 22.17
C GLY A 229 33.70 5.83 22.63
N ILE A 230 32.85 6.17 21.65
CA ILE A 230 31.55 6.80 21.91
C ILE A 230 30.50 5.75 22.20
N GLY A 231 29.82 5.91 23.34
CA GLY A 231 28.75 5.01 23.76
C GLY A 231 27.58 5.77 24.37
N TYR A 232 26.52 5.06 24.73
CA TYR A 232 25.35 5.69 25.32
C TYR A 232 25.76 6.54 26.50
N GLY A 233 25.38 7.82 26.47
CA GLY A 233 25.66 8.74 27.58
C GLY A 233 26.65 9.84 27.21
N ALA A 234 27.31 9.67 26.06
CA ALA A 234 28.33 10.61 25.58
C ALA A 234 27.69 11.87 25.03
N ARG A 235 28.22 13.02 25.42
CA ARG A 235 27.70 14.30 24.95
C ARG A 235 28.32 14.61 23.60
N LEU A 236 27.46 14.84 22.60
CA LEU A 236 27.92 14.98 21.21
C LEU A 236 27.45 16.26 20.53
N ARG A 237 28.28 16.78 19.63
CA ARG A 237 27.87 17.82 18.70
C ARG A 237 27.78 17.24 17.29
N LEU A 238 26.57 17.20 16.77
CA LEU A 238 26.28 16.66 15.47
C LEU A 238 25.86 17.80 14.56
N THR A 239 26.64 18.03 13.51
CA THR A 239 26.43 19.17 12.62
C THR A 239 25.92 18.70 11.26
N LEU A 240 24.87 19.33 10.75
CA LEU A 240 24.24 18.94 9.49
C LEU A 240 24.31 20.05 8.45
N ASP A 241 24.45 19.66 7.18
CA ASP A 241 24.52 20.60 6.04
C ASP A 241 25.64 21.63 6.19
N GLY A 242 26.50 21.41 7.19
CA GLY A 242 27.63 22.28 7.45
C GLY A 242 27.30 23.42 8.41
N VAL A 243 26.08 23.93 8.30
CA VAL A 243 25.64 25.11 9.08
C VAL A 243 24.94 24.78 10.41
N LEU A 244 23.94 23.90 10.36
CA LEU A 244 23.12 23.55 11.54
C LEU A 244 23.75 22.51 12.48
N PRO A 245 24.33 22.96 13.61
CA PRO A 245 24.78 21.99 14.60
C PRO A 245 23.68 21.63 15.60
N PHE A 246 23.89 20.53 16.33
CA PHE A 246 22.96 20.06 17.37
C PHE A 246 23.76 19.43 18.50
N GLU A 247 23.31 19.62 19.73
CA GLU A 247 23.96 19.00 20.89
C GLU A 247 22.98 18.20 21.73
N ALA A 248 23.33 16.93 21.94
CA ALA A 248 22.57 16.04 22.82
C ALA A 248 23.51 14.93 23.29
N PRO A 249 23.25 14.34 24.48
CA PRO A 249 23.88 13.07 24.80
C PRO A 249 23.38 11.97 23.85
N LEU A 250 24.15 10.90 23.70
CA LEU A 250 23.70 9.76 22.94
C LEU A 250 22.83 8.91 23.84
N THR A 251 21.61 8.65 23.38
CA THR A 251 20.61 7.92 24.15
C THR A 251 20.03 6.78 23.33
N PRO A 252 19.51 5.74 24.01
CA PRO A 252 18.86 4.65 23.27
C PRO A 252 17.60 5.05 22.49
N THR A 253 16.82 5.98 23.02
CA THR A 253 15.53 6.27 22.40
C THR A 253 15.10 7.75 22.41
N PHE A 254 13.95 8.02 21.79
CA PHE A 254 13.45 9.39 21.60
C PHE A 254 13.05 10.09 22.88
N ALA A 255 12.33 9.39 23.76
CA ALA A 255 11.75 9.98 24.98
C ALA A 255 12.80 10.37 26.01
N ASP A 256 14.04 9.93 25.77
CA ASP A 256 15.19 10.27 26.59
C ASP A 256 15.61 11.72 26.46
N ALA A 257 15.15 12.38 25.38
CA ALA A 257 15.39 13.80 25.17
C ALA A 257 14.61 14.69 26.16
N GLY A 258 13.65 14.08 26.86
CA GLY A 258 12.86 14.81 27.86
C GLY A 258 11.55 15.29 27.29
N GLU A 259 11.38 16.61 27.22
CA GLU A 259 10.13 17.19 26.70
C GLU A 259 9.94 16.89 25.22
N ILE A 260 8.67 16.91 24.80
CA ILE A 260 8.32 16.75 23.40
C ILE A 260 8.99 17.84 22.57
N GLY A 261 9.64 17.43 21.48
CA GLY A 261 10.31 18.35 20.58
C GLY A 261 11.77 18.57 20.88
N ASN A 262 12.26 17.98 21.97
CA ASN A 262 13.67 18.08 22.32
C ASN A 262 14.52 17.18 21.43
N ILE A 263 15.72 17.66 21.10
CA ILE A 263 16.68 16.91 20.27
C ILE A 263 17.12 15.60 20.94
N ALA A 264 16.91 14.49 20.25
CA ALA A 264 17.48 13.20 20.65
C ALA A 264 18.49 12.78 19.61
N ILE A 265 19.66 12.37 20.09
CA ILE A 265 20.67 11.73 19.25
C ILE A 265 20.75 10.28 19.72
N TYR A 266 20.58 9.35 18.79
CA TYR A 266 20.38 7.92 19.10
C TYR A 266 20.93 7.00 18.01
N LEU A 267 20.90 5.69 18.27
CA LEU A 267 21.13 4.68 17.23
C LEU A 267 19.78 4.12 16.75
N ASN A 268 19.50 4.28 15.47
CA ASN A 268 18.23 3.80 14.90
C ASN A 268 18.18 2.28 14.88
N SER A 269 17.05 1.71 14.48
CA SER A 269 16.87 0.26 14.52
C SER A 269 17.73 -0.50 13.49
N ARG A 270 18.51 0.23 12.69
CA ARG A 270 19.36 -0.39 11.65
C ARG A 270 20.82 -0.38 12.07
N GLY A 271 21.09 0.23 13.23
CA GLY A 271 22.43 0.27 13.85
C GLY A 271 23.26 1.49 13.51
N TYR A 272 22.59 2.59 13.18
CA TYR A 272 23.24 3.81 12.69
C TYR A 272 22.92 5.04 13.54
N LEU A 273 23.91 5.90 13.71
CA LEU A 273 23.74 7.18 14.41
C LEU A 273 22.67 8.05 13.73
N SER A 274 21.74 8.55 14.54
CA SER A 274 20.60 9.29 14.04
C SER A 274 20.27 10.46 14.96
N ILE A 275 19.45 11.37 14.44
CA ILE A 275 19.01 12.53 15.20
C ILE A 275 17.54 12.84 14.90
N ALA A 276 16.79 13.13 15.96
CA ALA A 276 15.37 13.35 15.86
C ALA A 276 14.98 14.40 16.89
N ARG A 277 13.69 14.75 16.89
CA ARG A 277 13.07 15.40 18.03
C ARG A 277 12.16 14.36 18.67
N ASN A 278 12.00 14.47 19.99
CA ASN A 278 11.07 13.64 20.75
C ASN A 278 9.62 13.95 20.35
N ALA A 279 9.01 13.00 19.63
CA ALA A 279 7.60 13.10 19.18
C ALA A 279 7.27 14.42 18.48
N ALA A 280 8.25 14.93 17.74
CA ALA A 280 8.06 15.99 16.77
C ALA A 280 8.98 15.66 15.59
N SER A 281 8.81 16.35 14.48
CA SER A 281 9.63 16.11 13.30
C SER A 281 10.83 17.04 13.23
N LEU A 282 12.00 16.46 12.93
CA LEU A 282 13.19 17.26 12.79
C LEU A 282 13.35 17.73 11.35
N ALA A 283 13.39 16.78 10.43
CA ALA A 283 13.63 17.02 9.02
C ALA A 283 12.64 18.02 8.39
N TYR A 284 11.35 17.79 8.61
CA TYR A 284 10.28 18.45 7.83
C TYR A 284 10.17 19.98 7.97
N PRO A 285 10.22 20.51 9.21
CA PRO A 285 10.21 21.96 9.39
C PRO A 285 11.44 22.70 8.83
N TYR A 286 12.60 22.04 8.82
CA TYR A 286 13.86 22.67 8.40
C TYR A 286 14.29 22.19 7.02
N HIS A 287 13.46 21.34 6.43
CA HIS A 287 13.66 20.81 5.07
C HIS A 287 15.05 20.19 4.94
N LEU A 288 15.39 19.36 5.93
CA LEU A 288 16.65 18.62 5.89
C LEU A 288 16.50 17.43 4.94
N LYS A 289 17.56 17.14 4.22
CA LYS A 289 17.50 16.19 3.12
C LYS A 289 18.62 15.17 3.18
N GLU A 290 18.38 14.04 2.55
CA GLU A 290 19.40 13.04 2.29
C GLU A 290 20.52 13.66 1.43
N GLY A 291 21.77 13.31 1.73
CA GLY A 291 22.91 13.83 0.98
C GLY A 291 23.64 14.98 1.67
N MET A 292 22.98 15.61 2.63
CA MET A 292 23.59 16.64 3.48
C MET A 292 24.68 16.00 4.33
N SER A 293 25.72 16.75 4.63
CA SER A 293 26.83 16.22 5.44
C SER A 293 26.43 16.07 6.89
N ALA A 294 27.11 15.17 7.59
CA ALA A 294 26.87 14.91 9.00
C ALA A 294 28.20 14.68 9.71
N ARG A 295 28.47 15.53 10.70
CA ARG A 295 29.72 15.51 11.44
C ARG A 295 29.41 15.28 12.92
N VAL A 296 30.16 14.39 13.57
CA VAL A 296 29.91 14.08 14.97
C VAL A 296 31.23 13.93 15.76
N GLU A 297 31.20 14.36 17.02
CA GLU A 297 32.38 14.39 17.89
C GLU A 297 31.94 14.54 19.33
N ALA A 298 32.69 13.93 20.24
CA ALA A 298 32.47 14.12 21.68
C ALA A 298 33.28 15.31 22.20
N ARG B 8 -7.62 -22.13 -2.87
CA ARG B 8 -6.81 -21.03 -3.49
C ARG B 8 -7.62 -20.16 -4.48
N PRO B 9 -8.84 -19.72 -4.09
CA PRO B 9 -9.45 -18.71 -4.96
C PRO B 9 -8.84 -17.32 -4.75
N ILE B 10 -8.85 -16.50 -5.79
CA ILE B 10 -8.22 -15.17 -5.73
C ILE B 10 -9.24 -14.08 -6.05
N ILE B 11 -9.26 -13.02 -5.24
CA ILE B 11 -9.96 -11.79 -5.59
C ILE B 11 -8.92 -10.70 -5.81
N ALA B 12 -8.92 -10.10 -7.00
CA ALA B 12 -8.07 -8.95 -7.26
C ALA B 12 -8.94 -7.71 -7.13
N PHE B 13 -8.58 -6.83 -6.19
CA PHE B 13 -9.41 -5.74 -5.73
C PHE B 13 -8.89 -4.37 -6.19
N MET B 14 -9.66 -3.68 -7.01
CA MET B 14 -9.29 -2.34 -7.47
C MET B 14 -10.40 -1.37 -7.06
N SER B 15 -10.07 -0.40 -6.21
CA SER B 15 -11.07 0.57 -5.78
C SER B 15 -10.55 2.00 -5.80
N ASP B 16 -11.42 2.93 -5.38
CA ASP B 16 -11.07 4.34 -5.23
C ASP B 16 -11.13 4.73 -3.73
N LEU B 17 -10.91 3.74 -2.85
CA LEU B 17 -11.10 3.94 -1.41
C LEU B 17 -9.89 4.54 -0.72
N GLY B 18 -8.77 4.56 -1.43
CA GLY B 18 -7.49 4.98 -0.85
C GLY B 18 -6.93 3.98 0.13
N THR B 19 -5.78 4.33 0.69
CA THR B 19 -5.07 3.51 1.64
C THR B 19 -4.78 4.30 2.91
N THR B 20 -5.53 5.37 3.13
CA THR B 20 -5.31 6.28 4.26
C THR B 20 -6.25 6.06 5.47
N ASP B 21 -7.12 5.05 5.39
CA ASP B 21 -7.99 4.68 6.51
C ASP B 21 -8.35 3.21 6.39
N ASP B 22 -9.37 2.75 7.12
CA ASP B 22 -9.69 1.31 7.14
C ASP B 22 -10.68 0.80 6.08
N SER B 23 -11.04 1.63 5.11
CA SER B 23 -12.07 1.30 4.11
C SER B 23 -11.83 -0.04 3.37
N VAL B 24 -10.64 -0.16 2.78
CA VAL B 24 -10.23 -1.39 2.10
C VAL B 24 -10.18 -2.56 3.08
N ALA B 25 -9.64 -2.35 4.28
CA ALA B 25 -9.61 -3.37 5.34
C ALA B 25 -10.99 -3.89 5.73
N GLN B 26 -11.98 -3.00 5.84
CA GLN B 26 -13.37 -3.42 6.06
C GLN B 26 -13.88 -4.37 4.96
N CYS B 27 -13.51 -4.08 3.72
CA CYS B 27 -13.88 -4.92 2.58
C CYS B 27 -13.18 -6.26 2.66
N LYS B 28 -11.87 -6.24 2.95
CA LYS B 28 -11.09 -7.47 3.07
C LYS B 28 -11.58 -8.39 4.21
N GLY B 29 -12.02 -7.79 5.32
CA GLY B 29 -12.52 -8.53 6.47
C GLY B 29 -13.72 -9.35 6.08
N LEU B 30 -14.65 -8.70 5.36
CA LEU B 30 -15.84 -9.36 4.82
C LEU B 30 -15.49 -10.43 3.76
N MET B 31 -14.46 -10.15 2.96
CA MET B 31 -13.97 -11.15 2.00
C MET B 31 -13.46 -12.42 2.68
N TYR B 32 -12.71 -12.30 3.77
CA TYR B 32 -12.27 -13.45 4.59
C TYR B 32 -13.38 -14.09 5.44
N SER B 33 -14.34 -13.28 5.87
CA SER B 33 -15.55 -13.79 6.50
C SER B 33 -16.34 -14.70 5.55
N ILE B 34 -16.51 -14.25 4.32
CA ILE B 34 -17.32 -14.98 3.31
C ILE B 34 -16.55 -16.11 2.62
N CYS B 35 -15.28 -15.87 2.30
CA CYS B 35 -14.47 -16.86 1.61
C CYS B 35 -13.18 -17.00 2.39
N PRO B 36 -13.15 -17.92 3.37
CA PRO B 36 -12.04 -18.00 4.32
C PRO B 36 -10.70 -18.34 3.67
N ASP B 37 -10.73 -19.07 2.55
CA ASP B 37 -9.50 -19.53 1.89
C ASP B 37 -9.05 -18.61 0.75
N VAL B 38 -9.68 -17.45 0.66
CA VAL B 38 -9.35 -16.48 -0.39
C VAL B 38 -7.99 -15.86 -0.19
N THR B 39 -7.36 -15.52 -1.31
CA THR B 39 -6.25 -14.60 -1.32
C THR B 39 -6.78 -13.33 -1.96
N VAL B 40 -6.63 -12.22 -1.26
CA VAL B 40 -7.03 -10.94 -1.78
C VAL B 40 -5.80 -10.22 -2.27
N VAL B 41 -5.81 -9.89 -3.56
CA VAL B 41 -4.72 -9.18 -4.17
C VAL B 41 -5.17 -7.74 -4.44
N ASP B 42 -4.39 -6.79 -3.94
CA ASP B 42 -4.61 -5.38 -4.24
C ASP B 42 -4.11 -5.07 -5.66
N VAL B 43 -5.01 -4.54 -6.48
CA VAL B 43 -4.57 -3.94 -7.73
C VAL B 43 -4.00 -2.58 -7.32
N CYS B 44 -4.89 -1.62 -7.04
CA CYS B 44 -4.51 -0.34 -6.46
C CYS B 44 -5.78 0.32 -5.98
N HIS B 45 -5.64 1.28 -5.07
CA HIS B 45 -6.78 1.96 -4.47
C HIS B 45 -6.63 3.46 -4.59
N SER B 46 -5.77 3.86 -5.52
CA SER B 46 -5.28 5.24 -5.62
C SER B 46 -5.79 6.04 -6.82
N MET B 47 -6.62 5.42 -7.66
CA MET B 47 -7.27 6.13 -8.77
C MET B 47 -7.98 7.41 -8.36
N THR B 48 -8.07 8.36 -9.30
CA THR B 48 -8.88 9.56 -9.12
C THR B 48 -10.31 9.11 -8.94
N PRO B 49 -10.93 9.48 -7.80
CA PRO B 49 -12.29 9.04 -7.54
C PRO B 49 -13.26 9.43 -8.67
N TRP B 50 -14.17 8.53 -9.02
CA TRP B 50 -15.26 8.82 -9.97
C TRP B 50 -14.80 8.92 -11.46
N ASP B 51 -13.50 8.74 -11.69
CA ASP B 51 -12.92 8.75 -13.03
C ASP B 51 -12.91 7.33 -13.59
N VAL B 52 -14.01 6.93 -14.23
CA VAL B 52 -14.19 5.54 -14.70
C VAL B 52 -13.23 5.15 -15.83
N GLU B 53 -12.80 6.13 -16.62
CA GLU B 53 -11.87 5.89 -17.72
C GLU B 53 -10.48 5.51 -17.21
N GLU B 54 -10.08 6.08 -16.08
CA GLU B 54 -8.79 5.77 -15.47
C GLU B 54 -8.80 4.44 -14.72
N GLY B 55 -9.87 4.20 -13.96
CA GLY B 55 -10.05 2.91 -13.28
C GLY B 55 -10.02 1.77 -14.28
N ALA B 56 -10.66 1.99 -15.43
CA ALA B 56 -10.69 1.03 -16.53
C ALA B 56 -9.30 0.60 -16.96
N ARG B 57 -8.37 1.55 -17.01
CA ARG B 57 -6.96 1.31 -17.37
C ARG B 57 -6.26 0.34 -16.44
N TYR B 58 -6.59 0.41 -15.15
CA TYR B 58 -5.97 -0.42 -14.13
C TYR B 58 -6.51 -1.83 -14.08
N ILE B 59 -7.55 -2.11 -14.87
CA ILE B 59 -8.23 -3.40 -14.78
C ILE B 59 -8.29 -4.17 -16.09
N VAL B 60 -8.07 -3.49 -17.21
CA VAL B 60 -8.25 -4.11 -18.53
C VAL B 60 -7.16 -5.13 -18.88
N ASP B 61 -5.94 -4.95 -18.37
CA ASP B 61 -4.81 -5.81 -18.74
C ASP B 61 -4.60 -6.98 -17.78
N LEU B 62 -5.49 -7.13 -16.81
CA LEU B 62 -5.30 -8.06 -15.71
C LEU B 62 -5.40 -9.57 -15.98
N PRO B 63 -6.45 -10.02 -16.70
CA PRO B 63 -6.73 -11.47 -16.67
C PRO B 63 -5.54 -12.39 -17.01
N ARG B 64 -4.76 -12.05 -18.04
CA ARG B 64 -3.69 -12.96 -18.51
C ARG B 64 -2.61 -13.24 -17.46
N PHE B 65 -2.52 -12.34 -16.48
CA PHE B 65 -1.55 -12.43 -15.42
C PHE B 65 -2.02 -13.30 -14.25
N PHE B 66 -3.31 -13.63 -14.20
CA PHE B 66 -3.86 -14.34 -13.06
C PHE B 66 -4.27 -15.77 -13.37
N PRO B 67 -4.26 -16.66 -12.35
CA PRO B 67 -4.78 -18.00 -12.59
C PRO B 67 -6.26 -17.92 -12.90
N GLU B 68 -6.71 -18.79 -13.80
CA GLU B 68 -8.11 -18.88 -14.22
C GLU B 68 -9.03 -19.12 -13.02
N GLY B 69 -10.18 -18.44 -13.01
CA GLY B 69 -11.13 -18.52 -11.89
C GLY B 69 -10.98 -17.36 -10.91
N THR B 70 -10.04 -16.48 -11.21
CA THR B 70 -9.82 -15.27 -10.44
C THR B 70 -11.00 -14.34 -10.65
N VAL B 71 -11.40 -13.67 -9.57
CA VAL B 71 -12.52 -12.73 -9.57
C VAL B 71 -11.92 -11.34 -9.46
N PHE B 72 -12.35 -10.44 -10.34
CA PHE B 72 -11.90 -9.04 -10.27
C PHE B 72 -13.00 -8.17 -9.67
N ALA B 73 -12.74 -7.67 -8.46
CA ALA B 73 -13.64 -6.78 -7.77
C ALA B 73 -13.17 -5.36 -8.05
N THR B 74 -13.87 -4.65 -8.94
CA THR B 74 -13.39 -3.36 -9.45
C THR B 74 -14.44 -2.28 -9.26
N THR B 75 -14.09 -1.19 -8.56
CA THR B 75 -15.10 -0.23 -8.10
C THR B 75 -14.68 1.24 -7.89
N THR B 76 -15.44 2.12 -8.54
CA THR B 76 -15.60 3.51 -8.14
C THR B 76 -17.11 3.72 -8.24
N TYR B 77 -17.73 4.20 -7.17
CA TYR B 77 -19.19 4.15 -7.05
C TYR B 77 -19.81 5.50 -6.70
N PRO B 78 -19.70 6.51 -7.58
CA PRO B 78 -20.33 7.78 -7.23
C PRO B 78 -21.86 7.66 -7.05
N ALA B 79 -22.49 6.62 -7.61
CA ALA B 79 -23.93 6.45 -7.50
C ALA B 79 -24.33 5.61 -6.27
N THR B 80 -23.43 5.57 -5.30
CA THR B 80 -23.64 4.78 -4.09
C THR B 80 -24.86 5.25 -3.30
N GLY B 81 -25.64 4.27 -2.82
CA GLY B 81 -26.87 4.52 -2.09
C GLY B 81 -28.08 4.81 -2.94
N THR B 82 -27.98 4.55 -4.26
CA THR B 82 -29.11 4.68 -5.15
C THR B 82 -29.67 3.30 -5.52
N THR B 83 -30.67 3.27 -6.40
CA THR B 83 -31.31 2.05 -6.86
C THR B 83 -30.47 1.28 -7.88
N THR B 84 -29.34 1.87 -8.30
CA THR B 84 -28.39 1.16 -9.16
C THR B 84 -27.82 -0.08 -8.46
N ARG B 85 -27.63 -1.11 -9.25
CA ARG B 85 -27.02 -2.34 -8.78
C ARG B 85 -25.84 -2.68 -9.69
N SER B 86 -24.90 -3.42 -9.15
CA SER B 86 -23.69 -3.77 -9.89
C SER B 86 -23.95 -4.76 -11.02
N VAL B 87 -22.96 -4.91 -11.89
CA VAL B 87 -23.00 -5.93 -12.92
C VAL B 87 -21.88 -6.95 -12.65
N ALA B 88 -22.19 -8.23 -12.81
CA ALA B 88 -21.19 -9.27 -12.75
C ALA B 88 -21.10 -9.95 -14.12
N VAL B 89 -19.92 -9.92 -14.72
CA VAL B 89 -19.69 -10.48 -16.06
C VAL B 89 -18.62 -11.58 -16.06
N ARG B 90 -18.86 -12.62 -16.85
CA ARG B 90 -17.82 -13.59 -17.18
C ARG B 90 -17.27 -13.20 -18.56
N ILE B 91 -16.01 -12.77 -18.62
CA ILE B 91 -15.37 -12.37 -19.88
C ILE B 91 -15.11 -13.57 -20.80
N LYS B 92 -14.82 -13.29 -22.08
CA LYS B 92 -14.59 -14.36 -23.05
C LYS B 92 -13.09 -14.64 -23.23
N GLN B 93 -12.40 -13.80 -23.99
CA GLN B 93 -10.96 -13.94 -24.18
C GLN B 93 -10.20 -13.39 -22.99
N ALA B 94 -9.29 -14.19 -22.43
CA ALA B 94 -8.39 -13.68 -21.41
C ALA B 94 -7.54 -12.58 -22.03
N ALA B 95 -7.22 -12.76 -23.32
CA ALA B 95 -6.51 -11.79 -24.16
C ALA B 95 -5.04 -11.54 -23.89
N LYS B 96 -4.21 -11.90 -24.86
CA LYS B 96 -2.82 -11.50 -24.91
C LYS B 96 -2.66 -9.98 -24.72
N GLY B 97 -1.47 -9.55 -24.32
CA GLY B 97 -1.17 -8.13 -24.14
C GLY B 97 0.28 -7.75 -24.40
N GLY B 98 0.62 -6.49 -24.10
CA GLY B 98 2.00 -6.01 -24.23
C GLY B 98 2.38 -5.41 -25.57
N ALA B 99 3.63 -4.99 -25.68
CA ALA B 99 4.15 -4.38 -26.91
C ALA B 99 3.96 -5.27 -28.14
N ARG B 100 4.09 -6.58 -27.96
CA ARG B 100 3.98 -7.54 -29.07
C ARG B 100 2.64 -8.26 -29.16
N GLY B 101 1.90 -8.32 -28.07
CA GLY B 101 0.68 -9.12 -28.03
C GLY B 101 1.05 -10.58 -27.81
N GLN B 102 1.20 -10.96 -26.54
CA GLN B 102 1.64 -12.28 -26.16
C GLN B 102 1.04 -12.68 -24.82
N TRP B 103 1.11 -13.97 -24.49
CA TRP B 103 0.79 -14.45 -23.14
C TRP B 103 1.90 -14.07 -22.15
N ALA B 104 1.50 -13.78 -20.92
CA ALA B 104 2.42 -13.48 -19.84
C ALA B 104 3.00 -14.77 -19.23
N GLY B 105 4.18 -14.67 -18.61
CA GLY B 105 4.81 -15.78 -17.91
C GLY B 105 6.17 -16.16 -18.47
N SER B 106 6.83 -17.14 -17.84
CA SER B 106 8.06 -17.70 -18.39
C SER B 106 7.76 -18.56 -19.62
N GLY B 107 8.80 -18.87 -20.38
CA GLY B 107 8.64 -19.71 -21.55
C GLY B 107 7.85 -18.97 -22.62
N ALA B 108 6.90 -19.68 -23.24
CA ALA B 108 6.02 -19.10 -24.25
C ALA B 108 4.80 -18.47 -23.58
N GLY B 109 4.86 -18.37 -22.26
CA GLY B 109 3.83 -17.72 -21.49
C GLY B 109 2.72 -18.67 -21.12
N PHE B 110 1.88 -18.20 -20.20
CA PHE B 110 0.80 -19.00 -19.66
C PHE B 110 -0.51 -18.71 -20.39
N GLU B 111 -0.85 -19.62 -21.28
CA GLU B 111 -2.08 -19.55 -22.06
C GLU B 111 -3.27 -19.68 -21.15
N ARG B 112 -4.24 -18.78 -21.30
CA ARG B 112 -5.44 -18.79 -20.47
C ARG B 112 -6.65 -19.19 -21.29
N ALA B 113 -7.44 -20.12 -20.74
CA ALA B 113 -8.68 -20.54 -21.38
C ALA B 113 -9.70 -19.40 -21.44
N GLU B 114 -10.71 -19.57 -22.27
CA GLU B 114 -11.82 -18.62 -22.36
C GLU B 114 -12.85 -18.86 -21.26
N GLY B 115 -13.66 -17.83 -20.98
CA GLY B 115 -14.69 -17.88 -19.95
C GLY B 115 -14.19 -18.11 -18.54
N SER B 116 -12.98 -17.60 -18.23
CA SER B 116 -12.29 -17.99 -16.99
C SER B 116 -12.17 -16.91 -15.90
N TYR B 117 -12.64 -15.70 -16.17
CA TYR B 117 -12.52 -14.60 -15.22
C TYR B 117 -13.87 -13.89 -15.05
N ILE B 118 -14.17 -13.51 -13.81
CA ILE B 118 -15.39 -12.76 -13.51
C ILE B 118 -14.99 -11.36 -13.07
N TYR B 119 -15.63 -10.36 -13.67
CA TYR B 119 -15.53 -8.98 -13.18
C TYR B 119 -16.83 -8.62 -12.50
N ILE B 120 -16.72 -8.05 -11.31
CA ILE B 120 -17.89 -7.45 -10.66
C ILE B 120 -17.61 -5.97 -10.36
N ALA B 121 -18.52 -5.12 -10.82
CA ALA B 121 -18.31 -3.69 -10.78
C ALA B 121 -19.63 -2.96 -10.71
N PRO B 122 -19.61 -1.66 -10.34
CA PRO B 122 -20.78 -0.83 -10.60
C PRO B 122 -21.12 -0.85 -12.08
N ASN B 123 -22.41 -0.82 -12.39
CA ASN B 123 -22.83 -0.66 -13.76
C ASN B 123 -22.81 0.82 -14.13
N ASN B 124 -21.61 1.41 -14.19
CA ASN B 124 -21.42 2.84 -14.42
C ASN B 124 -20.42 3.13 -15.57
N GLY B 125 -20.04 2.07 -16.27
CA GLY B 125 -19.16 2.17 -17.42
C GLY B 125 -17.72 1.78 -17.12
N LEU B 126 -17.45 1.38 -15.88
CA LEU B 126 -16.09 1.03 -15.47
C LEU B 126 -15.50 -0.15 -16.26
N LEU B 127 -16.36 -1.09 -16.67
CA LEU B 127 -15.96 -2.28 -17.44
C LEU B 127 -16.03 -2.09 -18.96
N THR B 128 -16.09 -0.84 -19.42
CA THR B 128 -16.21 -0.54 -20.85
C THR B 128 -15.12 -1.25 -21.69
N THR B 129 -13.86 -1.05 -21.32
CA THR B 129 -12.74 -1.52 -22.11
C THR B 129 -12.46 -3.00 -21.87
N VAL B 130 -12.81 -3.49 -20.67
CA VAL B 130 -12.78 -4.92 -20.37
C VAL B 130 -13.69 -5.67 -21.36
N LEU B 131 -14.91 -5.16 -21.52
CA LEU B 131 -15.87 -5.79 -22.41
C LEU B 131 -15.48 -5.72 -23.87
N GLU B 132 -14.94 -4.58 -24.31
CA GLU B 132 -14.57 -4.44 -25.71
C GLU B 132 -13.28 -5.19 -26.08
N GLU B 133 -12.38 -5.34 -25.12
CA GLU B 133 -11.11 -6.02 -25.37
C GLU B 133 -11.09 -7.52 -25.02
N HIS B 134 -12.05 -7.98 -24.22
CA HIS B 134 -12.14 -9.39 -23.87
C HIS B 134 -13.41 -10.06 -24.35
N GLY B 135 -14.43 -9.26 -24.65
CA GLY B 135 -15.78 -9.79 -24.86
C GLY B 135 -16.39 -10.30 -23.57
N TYR B 136 -17.58 -10.88 -23.65
CA TYR B 136 -18.19 -11.53 -22.49
C TYR B 136 -19.16 -12.63 -22.89
N LEU B 137 -19.30 -13.62 -22.02
CA LEU B 137 -20.17 -14.77 -22.29
C LEU B 137 -21.53 -14.64 -21.61
N GLU B 138 -21.56 -13.95 -20.47
CA GLU B 138 -22.78 -13.73 -19.69
C GLU B 138 -22.59 -12.53 -18.76
N ALA B 139 -23.70 -11.90 -18.39
CA ALA B 139 -23.70 -10.68 -17.59
C ALA B 139 -24.96 -10.61 -16.73
N TYR B 140 -24.78 -10.32 -15.44
CA TYR B 140 -25.89 -10.37 -14.51
C TYR B 140 -25.97 -9.13 -13.62
N GLU B 141 -27.21 -8.72 -13.32
CA GLU B 141 -27.49 -7.69 -12.34
C GLU B 141 -27.25 -8.27 -10.97
N VAL B 142 -26.53 -7.56 -10.10
CA VAL B 142 -26.22 -8.10 -8.78
C VAL B 142 -27.27 -7.63 -7.75
N THR B 143 -28.23 -8.51 -7.43
CA THR B 143 -29.43 -8.10 -6.70
C THR B 143 -29.85 -9.05 -5.55
N SER B 144 -29.32 -10.28 -5.58
CA SER B 144 -29.74 -11.32 -4.63
C SER B 144 -29.30 -11.02 -3.20
N PRO B 145 -30.23 -11.14 -2.24
CA PRO B 145 -29.83 -10.93 -0.83
C PRO B 145 -28.90 -12.02 -0.30
N LYS B 146 -28.56 -12.99 -1.15
CA LYS B 146 -27.61 -14.03 -0.78
C LYS B 146 -26.18 -13.55 -0.96
N VAL B 147 -26.01 -12.53 -1.79
CA VAL B 147 -24.69 -11.99 -2.12
C VAL B 147 -24.51 -10.51 -1.78
N ILE B 148 -25.61 -9.81 -1.49
CA ILE B 148 -25.56 -8.40 -1.06
C ILE B 148 -26.40 -8.17 0.21
N PRO B 149 -26.13 -7.08 0.96
CA PRO B 149 -26.97 -6.78 2.12
C PRO B 149 -28.41 -6.47 1.74
N GLU B 150 -29.36 -6.91 2.56
CA GLU B 150 -30.77 -6.50 2.45
C GLU B 150 -30.94 -4.99 2.72
N GLN B 151 -30.08 -4.47 3.61
CA GLN B 151 -30.04 -3.06 3.96
C GLN B 151 -28.61 -2.56 3.70
N PRO B 152 -28.29 -2.24 2.43
CA PRO B 152 -26.92 -1.83 2.12
C PRO B 152 -26.61 -0.42 2.63
N GLU B 153 -25.43 -0.25 3.21
CA GLU B 153 -24.92 1.05 3.65
C GLU B 153 -24.98 2.04 2.50
N PRO B 154 -25.81 3.10 2.63
CA PRO B 154 -25.99 4.05 1.53
C PRO B 154 -24.70 4.61 0.89
N THR B 155 -23.68 4.93 1.69
CA THR B 155 -22.47 5.56 1.16
C THR B 155 -21.27 4.62 0.96
N PHE B 156 -21.49 3.31 1.07
CA PHE B 156 -20.39 2.34 0.92
C PHE B 156 -20.75 1.17 0.00
N TYR B 157 -21.38 1.46 -1.15
CA TYR B 157 -21.68 0.41 -2.13
C TYR B 157 -20.45 -0.32 -2.71
N SER B 158 -19.25 0.27 -2.61
CA SER B 158 -18.00 -0.41 -3.02
C SER B 158 -17.71 -1.66 -2.18
N ARG B 159 -18.27 -1.67 -0.97
CA ARG B 159 -18.22 -2.81 -0.07
C ARG B 159 -19.46 -3.68 -0.25
N GLU B 160 -20.64 -3.06 -0.19
CA GLU B 160 -21.92 -3.78 -0.20
C GLU B 160 -22.15 -4.47 -1.51
N MET B 161 -21.84 -3.76 -2.59
CA MET B 161 -22.28 -4.15 -3.94
C MET B 161 -21.13 -4.67 -4.82
N VAL B 162 -19.91 -4.65 -4.31
CA VAL B 162 -18.78 -5.22 -5.05
C VAL B 162 -18.00 -6.22 -4.19
N ALA B 163 -17.48 -5.75 -3.06
CA ALA B 163 -16.59 -6.55 -2.23
C ALA B 163 -17.32 -7.76 -1.65
N ILE B 164 -18.51 -7.54 -1.08
CA ILE B 164 -19.27 -8.64 -0.49
C ILE B 164 -19.59 -9.74 -1.53
N PRO B 165 -20.30 -9.39 -2.63
CA PRO B 165 -20.65 -10.42 -3.60
C PRO B 165 -19.45 -11.02 -4.36
N SER B 166 -18.36 -10.30 -4.51
CA SER B 166 -17.14 -10.87 -5.14
C SER B 166 -16.61 -12.06 -4.35
N ALA B 167 -16.72 -11.98 -3.02
CA ALA B 167 -16.30 -13.04 -2.11
C ALA B 167 -17.28 -14.23 -2.13
N HIS B 168 -18.56 -13.99 -2.37
CA HIS B 168 -19.49 -15.09 -2.60
C HIS B 168 -19.15 -15.79 -3.91
N LEU B 169 -18.86 -15.01 -4.95
CA LEU B 169 -18.45 -15.59 -6.22
C LEU B 169 -17.15 -16.39 -6.09
N ALA B 170 -16.17 -15.84 -5.36
CA ALA B 170 -14.92 -16.55 -5.11
C ALA B 170 -15.11 -17.83 -4.28
N ALA B 171 -16.11 -17.84 -3.40
CA ALA B 171 -16.47 -19.04 -2.63
C ALA B 171 -17.21 -20.09 -3.46
N GLY B 172 -17.60 -19.72 -4.67
CA GLY B 172 -18.28 -20.64 -5.57
C GLY B 172 -19.78 -20.44 -5.71
N PHE B 173 -20.29 -19.30 -5.26
CA PHE B 173 -21.67 -18.93 -5.55
C PHE B 173 -21.85 -18.89 -7.05
N PRO B 174 -22.90 -19.56 -7.58
CA PRO B 174 -23.15 -19.56 -9.00
C PRO B 174 -23.41 -18.15 -9.51
N LEU B 175 -22.58 -17.70 -10.45
CA LEU B 175 -22.69 -16.39 -11.11
C LEU B 175 -24.11 -16.06 -11.58
N SER B 176 -24.78 -17.04 -12.19
CA SER B 176 -26.13 -16.83 -12.76
C SER B 176 -27.25 -16.64 -11.71
N GLU B 177 -26.88 -16.74 -10.43
CA GLU B 177 -27.82 -16.68 -9.33
C GLU B 177 -27.75 -15.38 -8.53
N VAL B 178 -26.87 -14.46 -8.94
CA VAL B 178 -26.74 -13.13 -8.29
C VAL B 178 -27.88 -12.17 -8.67
N GLY B 179 -28.54 -12.48 -9.78
CA GLY B 179 -29.64 -11.68 -10.30
C GLY B 179 -29.89 -11.99 -11.76
N ARG B 180 -30.86 -11.27 -12.34
CA ARG B 180 -31.29 -11.50 -13.72
C ARG B 180 -30.17 -11.28 -14.75
N PRO B 181 -30.27 -11.95 -15.92
CA PRO B 181 -29.36 -11.64 -17.03
C PRO B 181 -29.56 -10.21 -17.53
N LEU B 182 -28.46 -9.53 -17.83
CA LEU B 182 -28.50 -8.19 -18.40
C LEU B 182 -28.28 -8.25 -19.91
N GLU B 183 -29.18 -7.62 -20.64
CA GLU B 183 -29.00 -7.39 -22.08
C GLU B 183 -27.86 -6.40 -22.32
N ASP B 184 -27.25 -6.49 -23.51
CA ASP B 184 -26.08 -5.67 -23.83
C ASP B 184 -26.27 -4.16 -23.59
N HIS B 185 -27.44 -3.64 -23.94
CA HIS B 185 -27.68 -2.19 -23.90
C HIS B 185 -27.87 -1.70 -22.46
N GLU B 186 -28.11 -2.63 -21.54
CA GLU B 186 -28.34 -2.31 -20.13
C GLU B 186 -27.01 -2.20 -19.36
N ILE B 187 -25.93 -2.62 -20.02
CA ILE B 187 -24.58 -2.45 -19.50
C ILE B 187 -24.07 -1.09 -19.97
N VAL B 188 -23.87 -0.19 -19.01
CA VAL B 188 -23.47 1.18 -19.30
C VAL B 188 -22.04 1.19 -19.82
N ARG B 189 -21.82 1.99 -20.86
CA ARG B 189 -20.52 2.19 -21.48
C ARG B 189 -20.18 3.66 -21.46
N PHE B 190 -18.90 3.98 -21.28
CA PHE B 190 -18.42 5.32 -21.56
C PHE B 190 -17.92 5.39 -22.99
N ASN B 191 -17.91 6.60 -23.56
CA ASN B 191 -17.37 6.88 -24.88
C ASN B 191 -15.84 6.80 -24.84
N ARG B 192 -15.29 5.95 -25.70
CA ARG B 192 -13.85 5.83 -25.89
C ARG B 192 -13.49 6.64 -27.13
N PRO B 193 -12.87 7.82 -26.95
CA PRO B 193 -12.47 8.62 -28.13
C PRO B 193 -11.49 7.88 -29.04
N ALA B 194 -11.67 8.03 -30.34
CA ALA B 194 -10.88 7.28 -31.33
C ALA B 194 -9.59 7.99 -31.75
N VAL B 195 -8.59 7.20 -32.12
CA VAL B 195 -7.36 7.72 -32.74
C VAL B 195 -7.68 8.10 -34.18
N GLU B 196 -7.53 9.39 -34.49
CA GLU B 196 -7.91 9.94 -35.78
C GLU B 196 -6.78 9.91 -36.80
N GLN B 197 -7.04 9.25 -37.94
CA GLN B 197 -6.13 9.32 -39.07
C GLN B 197 -6.26 10.68 -39.72
N ASP B 198 -5.14 11.40 -39.77
CA ASP B 198 -5.12 12.78 -40.25
C ASP B 198 -3.97 12.97 -41.25
N GLY B 199 -4.23 12.67 -42.51
CA GLY B 199 -3.18 12.62 -43.53
C GLY B 199 -2.32 11.38 -43.30
N GLU B 200 -1.02 11.60 -43.14
CA GLU B 200 -0.06 10.54 -42.74
C GLU B 200 -0.02 10.35 -41.22
N ALA B 201 -0.47 11.38 -40.48
CA ALA B 201 -0.41 11.40 -39.03
C ALA B 201 -1.50 10.56 -38.34
N LEU B 202 -1.15 10.01 -37.19
CA LEU B 202 -2.13 9.45 -36.26
C LEU B 202 -2.28 10.47 -35.13
N VAL B 203 -3.52 10.90 -34.89
CA VAL B 203 -3.82 11.96 -33.92
C VAL B 203 -4.64 11.46 -32.74
N GLY B 204 -4.02 11.46 -31.55
CA GLY B 204 -4.69 11.08 -30.32
C GLY B 204 -4.42 11.99 -29.14
N VAL B 205 -4.17 11.37 -28.00
CA VAL B 205 -4.09 12.10 -26.75
C VAL B 205 -3.06 11.42 -25.83
N VAL B 206 -2.53 12.17 -24.87
CA VAL B 206 -1.78 11.57 -23.77
C VAL B 206 -2.79 10.93 -22.81
N SER B 207 -2.72 9.60 -22.69
CA SER B 207 -3.72 8.86 -21.93
C SER B 207 -3.43 8.78 -20.43
N ALA B 208 -2.16 8.95 -20.05
CA ALA B 208 -1.72 8.84 -18.66
C ALA B 208 -0.25 9.22 -18.54
N ILE B 209 0.10 9.73 -17.36
CA ILE B 209 1.50 9.85 -16.96
C ILE B 209 1.85 8.59 -16.19
N ASP B 210 2.86 7.88 -16.67
CA ASP B 210 3.32 6.63 -16.07
C ASP B 210 4.11 6.91 -14.79
N HIS B 211 3.41 6.95 -13.64
CA HIS B 211 4.02 7.14 -12.32
C HIS B 211 4.63 5.83 -11.85
N PRO B 212 5.72 5.87 -11.05
CA PRO B 212 6.46 7.02 -10.47
C PRO B 212 7.56 7.60 -11.37
N PHE B 213 7.57 7.22 -12.65
CA PHE B 213 8.66 7.57 -13.55
C PHE B 213 8.52 8.92 -14.27
N GLY B 214 7.28 9.32 -14.54
CA GLY B 214 7.02 10.47 -15.41
C GLY B 214 7.18 10.14 -16.89
N ASN B 215 6.98 8.87 -17.26
CA ASN B 215 6.85 8.51 -18.67
C ASN B 215 5.51 9.01 -19.20
N VAL B 216 5.43 9.18 -20.52
CA VAL B 216 4.21 9.71 -21.14
C VAL B 216 3.57 8.66 -22.01
N TRP B 217 2.36 8.25 -21.62
CA TRP B 217 1.62 7.25 -22.36
C TRP B 217 0.62 7.89 -23.31
N THR B 218 0.50 7.39 -24.53
CA THR B 218 -0.57 7.85 -25.45
C THR B 218 -1.65 6.78 -25.64
N ASN B 219 -2.76 7.16 -26.29
CA ASN B 219 -3.83 6.23 -26.68
C ASN B 219 -3.66 5.71 -28.11
N ILE B 220 -2.49 5.93 -28.68
CA ILE B 220 -2.15 5.45 -30.01
C ILE B 220 -1.53 4.08 -29.82
N HIS B 221 -2.29 3.04 -30.17
CA HIS B 221 -1.94 1.64 -29.94
C HIS B 221 -1.01 1.12 -31.05
N ARG B 222 -0.32 0.02 -30.82
CA ARG B 222 0.50 -0.61 -31.87
C ARG B 222 -0.30 -0.98 -33.11
N THR B 223 -1.59 -1.27 -32.95
CA THR B 223 -2.45 -1.61 -34.09
C THR B 223 -2.71 -0.39 -34.96
N ASP B 224 -2.78 0.79 -34.33
CA ASP B 224 -2.90 2.06 -35.05
C ASP B 224 -1.62 2.34 -35.84
N LEU B 225 -0.47 2.06 -35.22
CA LEU B 225 0.83 2.33 -35.84
C LEU B 225 1.08 1.48 -37.07
N GLU B 226 0.88 0.17 -36.93
CA GLU B 226 1.17 -0.77 -38.00
C GLU B 226 0.22 -0.64 -39.20
N LYS B 227 -0.96 -0.08 -38.97
CA LYS B 227 -1.88 0.27 -40.05
C LYS B 227 -1.36 1.47 -40.88
N ALA B 228 -0.44 2.23 -40.29
CA ALA B 228 0.31 3.26 -41.01
C ALA B 228 1.69 2.73 -41.44
N GLY B 229 2.03 1.51 -41.02
CA GLY B 229 3.31 0.86 -41.37
C GLY B 229 4.50 1.25 -40.51
N ILE B 230 4.22 1.73 -39.29
CA ILE B 230 5.24 2.20 -38.36
C ILE B 230 5.69 1.09 -37.40
N GLY B 231 6.93 0.65 -37.56
CA GLY B 231 7.52 -0.32 -36.65
C GLY B 231 8.85 0.19 -36.13
N TYR B 232 9.51 -0.64 -35.31
CA TYR B 232 10.82 -0.31 -34.78
C TYR B 232 11.80 0.18 -35.85
N GLY B 233 12.49 1.28 -35.55
CA GLY B 233 13.43 1.90 -36.47
C GLY B 233 12.87 3.14 -37.15
N ALA B 234 11.55 3.19 -37.30
CA ALA B 234 10.89 4.32 -37.95
C ALA B 234 11.24 5.63 -37.24
N ARG B 235 11.84 6.55 -37.99
CA ARG B 235 12.12 7.90 -37.51
C ARG B 235 10.80 8.66 -37.35
N LEU B 236 10.41 8.92 -36.12
CA LEU B 236 9.11 9.54 -35.83
C LEU B 236 9.19 11.00 -35.35
N ARG B 237 8.16 11.76 -35.69
CA ARG B 237 7.89 13.00 -35.00
C ARG B 237 6.65 12.85 -34.11
N LEU B 238 6.88 12.88 -32.80
CA LEU B 238 5.80 12.80 -31.84
C LEU B 238 5.64 14.17 -31.18
N THR B 239 4.58 14.88 -31.57
CA THR B 239 4.28 16.23 -31.09
C THR B 239 3.32 16.19 -29.91
N LEU B 240 3.82 16.60 -28.75
CA LEU B 240 3.00 16.69 -27.55
C LEU B 240 2.50 18.11 -27.36
N ASP B 241 1.28 18.21 -26.84
CA ASP B 241 0.71 19.49 -26.42
C ASP B 241 0.67 20.56 -27.51
N GLY B 242 0.70 20.14 -28.78
CA GLY B 242 0.62 21.04 -29.93
C GLY B 242 1.92 21.72 -30.36
N VAL B 243 2.88 21.80 -29.45
CA VAL B 243 4.06 22.67 -29.64
C VAL B 243 5.42 21.99 -29.39
N LEU B 244 5.38 20.71 -29.05
CA LEU B 244 6.58 19.95 -28.68
C LEU B 244 6.87 18.82 -29.69
N PRO B 245 7.51 19.15 -30.83
CA PRO B 245 7.77 18.14 -31.85
C PRO B 245 8.96 17.21 -31.53
N PHE B 246 8.79 16.29 -30.61
CA PHE B 246 9.88 15.38 -30.27
C PHE B 246 10.31 14.57 -31.49
N GLU B 247 11.58 14.19 -31.55
CA GLU B 247 12.05 13.40 -32.67
C GLU B 247 12.99 12.27 -32.24
N ALA B 248 12.51 11.04 -32.43
CA ALA B 248 13.25 9.85 -32.10
C ALA B 248 12.79 8.71 -33.00
N PRO B 249 13.66 7.72 -33.27
CA PRO B 249 13.18 6.47 -33.85
C PRO B 249 12.33 5.71 -32.84
N LEU B 250 11.38 4.92 -33.32
CA LEU B 250 10.69 3.96 -32.44
C LEU B 250 11.66 2.81 -32.09
N THR B 251 11.87 2.62 -30.79
CA THR B 251 12.79 1.59 -30.28
C THR B 251 12.04 0.75 -29.23
N PRO B 252 12.48 -0.51 -28.99
CA PRO B 252 11.80 -1.35 -28.00
C PRO B 252 11.78 -0.84 -26.56
N THR B 253 12.84 -0.13 -26.16
CA THR B 253 13.03 0.23 -24.76
C THR B 253 13.75 1.57 -24.56
N PHE B 254 13.79 2.01 -23.31
CA PHE B 254 14.36 3.29 -22.91
C PHE B 254 15.85 3.48 -23.23
N ALA B 255 16.66 2.45 -22.94
CA ALA B 255 18.12 2.56 -23.06
C ALA B 255 18.57 2.77 -24.51
N ASP B 256 17.67 2.49 -25.45
CA ASP B 256 17.96 2.63 -26.89
C ASP B 256 18.16 4.09 -27.32
N ALA B 257 17.78 5.03 -26.45
CA ALA B 257 18.01 6.47 -26.66
C ALA B 257 19.47 6.86 -26.48
N GLY B 258 20.26 5.96 -25.90
CA GLY B 258 21.68 6.21 -25.72
C GLY B 258 21.97 6.70 -24.33
N GLU B 259 22.46 7.93 -24.21
CA GLU B 259 22.86 8.46 -22.91
C GLU B 259 21.66 8.79 -22.02
N ILE B 260 21.87 8.74 -20.70
CA ILE B 260 20.81 9.06 -19.75
C ILE B 260 20.22 10.43 -20.09
N GLY B 261 18.89 10.53 -19.98
CA GLY B 261 18.18 11.78 -20.26
C GLY B 261 17.69 11.95 -21.70
N ASN B 262 18.20 11.14 -22.62
CA ASN B 262 17.83 11.24 -24.03
C ASN B 262 16.39 10.77 -24.24
N ILE B 263 15.73 11.37 -25.22
CA ILE B 263 14.35 11.00 -25.61
C ILE B 263 14.24 9.58 -26.19
N ALA B 264 13.35 8.77 -25.61
CA ALA B 264 12.98 7.45 -26.16
C ALA B 264 11.51 7.44 -26.58
N ILE B 265 11.25 6.97 -27.80
CA ILE B 265 9.88 6.68 -28.27
C ILE B 265 9.78 5.15 -28.43
N TYR B 266 8.77 4.56 -27.83
CA TYR B 266 8.70 3.09 -27.65
C TYR B 266 7.25 2.61 -27.51
N LEU B 267 7.05 1.30 -27.57
CA LEU B 267 5.77 0.71 -27.15
C LEU B 267 5.83 0.25 -25.70
N ASN B 268 4.99 0.86 -24.87
CA ASN B 268 4.92 0.47 -23.47
C ASN B 268 4.38 -0.95 -23.27
N SER B 269 4.37 -1.42 -22.03
CA SER B 269 4.01 -2.82 -21.74
C SER B 269 2.52 -3.13 -21.91
N ARG B 270 1.71 -2.09 -22.15
CA ARG B 270 0.27 -2.24 -22.41
C ARG B 270 -0.04 -2.24 -23.92
N GLY B 271 0.98 -1.99 -24.74
CA GLY B 271 0.86 -2.03 -26.18
C GLY B 271 0.70 -0.66 -26.83
N TYR B 272 1.02 0.40 -26.10
CA TYR B 272 0.73 1.76 -26.59
C TYR B 272 1.96 2.59 -26.86
N LEU B 273 1.89 3.40 -27.91
CA LEU B 273 2.95 4.35 -28.21
C LEU B 273 3.16 5.29 -27.03
N SER B 274 4.40 5.37 -26.59
CA SER B 274 4.75 6.21 -25.46
C SER B 274 6.05 6.95 -25.76
N ILE B 275 6.33 7.93 -24.90
CA ILE B 275 7.58 8.68 -24.99
C ILE B 275 8.13 8.94 -23.59
N ALA B 276 9.44 8.98 -23.47
CA ALA B 276 10.09 9.07 -22.17
C ALA B 276 11.51 9.56 -22.36
N ARG B 277 12.21 9.70 -21.25
CA ARG B 277 13.65 9.90 -21.24
C ARG B 277 14.30 8.63 -20.68
N ASN B 278 15.52 8.34 -21.13
CA ASN B 278 16.30 7.21 -20.61
C ASN B 278 16.72 7.47 -19.17
N ALA B 279 16.17 6.67 -18.24
CA ALA B 279 16.51 6.75 -16.80
C ALA B 279 16.53 8.18 -16.26
N ALA B 280 15.53 8.95 -16.69
CA ALA B 280 15.22 10.28 -16.20
C ALA B 280 13.73 10.49 -16.46
N SER B 281 13.16 11.51 -15.81
CA SER B 281 11.75 11.82 -16.01
C SER B 281 11.51 12.81 -17.15
N LEU B 282 10.61 12.45 -18.06
CA LEU B 282 10.16 13.37 -19.10
C LEU B 282 9.07 14.31 -18.55
N ALA B 283 8.02 13.72 -17.99
CA ALA B 283 6.81 14.45 -17.60
C ALA B 283 6.94 15.38 -16.40
N TYR B 284 7.71 14.96 -15.38
CA TYR B 284 7.78 15.71 -14.13
C TYR B 284 8.41 17.11 -14.22
N PRO B 285 9.61 17.23 -14.84
CA PRO B 285 10.26 18.55 -14.92
C PRO B 285 9.48 19.60 -15.71
N TYR B 286 8.76 19.15 -16.74
CA TYR B 286 8.02 20.04 -17.62
C TYR B 286 6.51 20.08 -17.34
N HIS B 287 6.07 19.31 -16.33
CA HIS B 287 4.67 19.29 -15.87
C HIS B 287 3.73 18.93 -17.02
N LEU B 288 4.08 17.87 -17.74
CA LEU B 288 3.26 17.34 -18.80
C LEU B 288 2.13 16.53 -18.18
N LYS B 289 0.98 16.51 -18.84
CA LYS B 289 -0.24 16.00 -18.25
C LYS B 289 -1.05 15.12 -19.18
N GLU B 290 -1.80 14.21 -18.58
CA GLU B 290 -2.85 13.45 -19.23
C GLU B 290 -3.86 14.39 -19.92
N GLY B 291 -4.25 14.05 -21.14
CA GLY B 291 -5.22 14.83 -21.88
C GLY B 291 -4.65 15.82 -22.87
N MET B 292 -3.34 16.08 -22.77
CA MET B 292 -2.63 16.86 -23.79
C MET B 292 -2.72 16.11 -25.12
N SER B 293 -2.72 16.87 -26.21
CA SER B 293 -2.71 16.26 -27.54
C SER B 293 -1.44 15.44 -27.78
N ALA B 294 -1.57 14.43 -28.64
CA ALA B 294 -0.49 13.55 -29.01
C ALA B 294 -0.66 13.15 -30.48
N ARG B 295 0.31 13.54 -31.28
CA ARG B 295 0.30 13.26 -32.71
C ARG B 295 1.60 12.57 -33.06
N VAL B 296 1.53 11.56 -33.94
CA VAL B 296 2.73 10.89 -34.42
C VAL B 296 2.67 10.82 -35.95
N GLU B 297 3.84 10.75 -36.59
CA GLU B 297 3.95 10.66 -38.04
C GLU B 297 5.38 10.36 -38.45
N ALA B 298 5.55 9.92 -39.69
CA ALA B 298 6.87 9.54 -40.17
C ALA B 298 7.50 10.69 -40.96
N ARG C 8 -6.86 -20.82 10.17
CA ARG C 8 -6.76 -19.56 9.36
C ARG C 8 -6.79 -18.30 10.26
N PRO C 9 -5.74 -18.10 11.08
CA PRO C 9 -5.68 -16.90 11.92
C PRO C 9 -5.48 -15.63 11.09
N ILE C 10 -6.04 -14.54 11.57
CA ILE C 10 -5.89 -13.25 10.91
C ILE C 10 -5.33 -12.22 11.88
N ILE C 11 -4.29 -11.49 11.42
CA ILE C 11 -3.83 -10.26 12.08
C ILE C 11 -4.12 -9.07 11.18
N ALA C 12 -4.92 -8.14 11.68
CA ALA C 12 -5.19 -6.89 10.99
C ALA C 12 -4.30 -5.83 11.61
N PHE C 13 -3.51 -5.17 10.75
CA PHE C 13 -2.34 -4.40 11.16
C PHE C 13 -2.49 -2.90 10.83
N MET C 14 -2.50 -2.07 11.88
CA MET C 14 -2.63 -0.61 11.76
C MET C 14 -1.40 0.00 12.43
N SER C 15 -0.67 0.85 11.74
CA SER C 15 0.50 1.51 12.32
C SER C 15 0.77 2.93 11.81
N ASP C 16 1.78 3.59 12.39
CA ASP C 16 2.29 4.88 11.90
C ASP C 16 3.67 4.71 11.23
N LEU C 17 3.88 3.53 10.62
CA LEU C 17 5.18 3.12 10.10
C LEU C 17 5.43 3.55 8.67
N GLY C 18 4.35 3.88 7.97
CA GLY C 18 4.42 4.27 6.57
C GLY C 18 4.59 3.07 5.67
N THR C 19 4.62 3.34 4.37
CA THR C 19 4.84 2.31 3.38
C THR C 19 5.99 2.70 2.46
N THR C 20 6.92 3.48 2.99
CA THR C 20 8.01 4.02 2.21
C THR C 20 9.35 3.31 2.43
N ASP C 21 9.47 2.54 3.49
CA ASP C 21 10.65 1.69 3.68
C ASP C 21 10.20 0.26 4.05
N ASP C 22 11.12 -0.54 4.60
CA ASP C 22 10.83 -1.95 4.93
C ASP C 22 10.24 -2.22 6.33
N SER C 23 9.94 -1.17 7.09
CA SER C 23 9.50 -1.31 8.48
C SER C 23 8.35 -2.31 8.71
N VAL C 24 7.25 -2.11 7.96
CA VAL C 24 6.07 -2.97 8.04
C VAL C 24 6.36 -4.40 7.62
N ALA C 25 7.16 -4.56 6.57
CA ALA C 25 7.59 -5.87 6.09
C ALA C 25 8.40 -6.62 7.13
N GLN C 26 9.23 -5.90 7.90
CA GLN C 26 9.99 -6.52 9.00
C GLN C 26 9.05 -7.11 10.06
N CYS C 27 8.00 -6.38 10.41
CA CYS C 27 6.99 -6.87 11.34
C CYS C 27 6.28 -8.09 10.78
N LYS C 28 5.79 -7.96 9.55
CA LYS C 28 5.12 -9.05 8.82
C LYS C 28 5.97 -10.34 8.72
N GLY C 29 7.26 -10.19 8.45
CA GLY C 29 8.18 -11.33 8.40
C GLY C 29 8.24 -12.06 9.73
N LEU C 30 8.28 -11.31 10.82
CA LEU C 30 8.20 -11.91 12.15
C LEU C 30 6.85 -12.51 12.44
N MET C 31 5.78 -11.91 11.92
CA MET C 31 4.43 -12.47 12.05
C MET C 31 4.32 -13.86 11.43
N TYR C 32 4.85 -14.01 10.20
CA TYR C 32 4.86 -15.30 9.50
C TYR C 32 5.77 -16.33 10.12
N SER C 33 6.88 -15.85 10.69
CA SER C 33 7.81 -16.68 11.47
C SER C 33 7.14 -17.35 12.68
N ILE C 34 6.32 -16.59 13.41
CA ILE C 34 5.70 -17.07 14.63
C ILE C 34 4.43 -17.85 14.30
N CYS C 35 3.66 -17.34 13.35
CA CYS C 35 2.41 -17.95 12.96
C CYS C 35 2.39 -18.27 11.47
N PRO C 36 3.03 -19.39 11.03
CA PRO C 36 3.11 -19.71 9.60
C PRO C 36 1.76 -19.63 8.86
N ASP C 37 0.71 -20.11 9.54
CA ASP C 37 -0.71 -20.07 9.15
C ASP C 37 -1.36 -18.71 8.87
N VAL C 38 -0.69 -17.64 9.29
CA VAL C 38 -1.38 -16.35 9.42
C VAL C 38 -1.70 -15.64 8.09
N THR C 39 -2.80 -14.90 8.10
CA THR C 39 -3.07 -13.90 7.09
C THR C 39 -2.92 -12.54 7.77
N VAL C 40 -1.99 -11.74 7.24
CA VAL C 40 -1.84 -10.38 7.70
C VAL C 40 -2.61 -9.47 6.74
N VAL C 41 -3.57 -8.72 7.29
CA VAL C 41 -4.33 -7.73 6.55
C VAL C 41 -3.89 -6.33 6.97
N ASP C 42 -3.49 -5.51 6.01
CA ASP C 42 -3.17 -4.12 6.33
C ASP C 42 -4.47 -3.34 6.57
N VAL C 43 -4.51 -2.60 7.66
CA VAL C 43 -5.55 -1.61 7.82
C VAL C 43 -5.08 -0.34 7.10
N CYS C 44 -4.06 0.32 7.64
CA CYS C 44 -3.37 1.43 7.00
C CYS C 44 -2.13 1.71 7.83
N HIS C 45 -1.16 2.36 7.20
CA HIS C 45 0.10 2.69 7.84
C HIS C 45 0.45 4.15 7.65
N SER C 46 -0.53 4.92 7.19
CA SER C 46 -0.36 6.32 6.80
C SER C 46 -0.80 7.34 7.86
N MET C 47 -1.27 6.88 9.01
CA MET C 47 -1.75 7.80 10.07
C MET C 47 -0.69 8.84 10.43
N THR C 48 -1.11 10.01 10.93
CA THR C 48 -0.17 10.98 11.47
C THR C 48 0.58 10.40 12.67
N PRO C 49 1.93 10.29 12.57
CA PRO C 49 2.68 9.71 13.67
C PRO C 49 2.31 10.37 15.00
N TRP C 50 2.01 9.55 16.02
CA TRP C 50 1.83 10.02 17.42
C TRP C 50 0.44 10.59 17.71
N ASP C 51 -0.42 10.61 16.69
CA ASP C 51 -1.80 11.13 16.83
C ASP C 51 -2.72 9.98 17.23
N VAL C 52 -2.87 9.77 18.53
CA VAL C 52 -3.58 8.62 19.07
C VAL C 52 -5.08 8.66 18.82
N GLU C 53 -5.63 9.86 18.60
CA GLU C 53 -7.05 10.03 18.29
C GLU C 53 -7.34 9.60 16.85
N GLU C 54 -6.50 10.03 15.93
CA GLU C 54 -6.60 9.61 14.54
C GLU C 54 -6.44 8.10 14.36
N GLY C 55 -5.47 7.53 15.06
CA GLY C 55 -5.25 6.07 15.05
C GLY C 55 -6.45 5.27 15.55
N ALA C 56 -7.06 5.71 16.65
CA ALA C 56 -8.27 5.11 17.21
C ALA C 56 -9.43 5.07 16.21
N ARG C 57 -9.56 6.14 15.43
CA ARG C 57 -10.50 6.25 14.30
C ARG C 57 -10.38 5.13 13.23
N TYR C 58 -9.15 4.66 12.98
CA TYR C 58 -8.91 3.65 11.93
C TYR C 58 -9.10 2.22 12.42
N ILE C 59 -9.38 2.07 13.71
CA ILE C 59 -9.46 0.75 14.33
C ILE C 59 -10.76 0.44 15.08
N VAL C 60 -11.49 1.48 15.49
CA VAL C 60 -12.70 1.28 16.30
C VAL C 60 -13.85 0.55 15.58
N ASP C 61 -13.93 0.70 14.25
CA ASP C 61 -15.07 0.17 13.48
C ASP C 61 -14.81 -1.19 12.84
N LEU C 62 -13.59 -1.68 12.99
CA LEU C 62 -13.15 -2.95 12.38
C LEU C 62 -13.83 -4.28 12.81
N PRO C 63 -14.09 -4.51 14.13
CA PRO C 63 -14.41 -5.90 14.51
C PRO C 63 -15.57 -6.61 13.80
N ARG C 64 -16.68 -5.91 13.56
CA ARG C 64 -17.87 -6.57 13.01
C ARG C 64 -17.61 -7.11 11.60
N PHE C 65 -16.57 -6.59 10.96
CA PHE C 65 -16.21 -6.93 9.60
C PHE C 65 -15.38 -8.18 9.49
N PHE C 66 -14.67 -8.51 10.56
CA PHE C 66 -13.71 -9.61 10.52
C PHE C 66 -14.18 -10.95 11.10
N PRO C 67 -13.62 -12.07 10.59
CA PRO C 67 -13.88 -13.38 11.18
C PRO C 67 -13.58 -13.37 12.68
N GLU C 68 -14.24 -14.23 13.43
CA GLU C 68 -14.03 -14.27 14.86
C GLU C 68 -12.66 -14.85 15.15
N GLY C 69 -12.01 -14.31 16.18
CA GLY C 69 -10.69 -14.78 16.57
C GLY C 69 -9.60 -13.87 16.05
N THR C 70 -10.00 -12.80 15.33
CA THR C 70 -9.05 -11.89 14.69
C THR C 70 -8.32 -11.03 15.72
N VAL C 71 -7.01 -10.91 15.53
CA VAL C 71 -6.15 -10.07 16.37
C VAL C 71 -5.85 -8.75 15.65
N PHE C 72 -6.09 -7.66 16.37
CA PHE C 72 -5.87 -6.33 15.83
C PHE C 72 -4.58 -5.77 16.41
N ALA C 73 -3.55 -5.74 15.57
CA ALA C 73 -2.25 -5.17 15.94
C ALA C 73 -2.26 -3.70 15.58
N THR C 74 -2.43 -2.85 16.59
CA THR C 74 -2.67 -1.42 16.35
C THR C 74 -1.66 -0.57 17.08
N THR C 75 -0.91 0.28 16.37
CA THR C 75 0.25 0.92 17.01
C THR C 75 0.73 2.29 16.48
N THR C 76 0.65 3.29 17.33
CA THR C 76 1.62 4.39 17.29
C THR C 76 2.31 4.36 18.67
N TYR C 77 3.65 4.43 18.67
CA TYR C 77 4.44 4.19 19.87
C TYR C 77 5.47 5.29 20.14
N PRO C 78 5.03 6.55 20.39
CA PRO C 78 6.02 7.61 20.66
C PRO C 78 6.84 7.41 21.96
N ALA C 79 6.40 6.50 22.84
CA ALA C 79 7.09 6.14 24.06
C ALA C 79 7.90 4.86 23.92
N THR C 80 8.19 4.45 22.67
CA THR C 80 9.08 3.32 22.38
C THR C 80 10.40 3.44 23.13
N GLY C 81 10.87 2.33 23.69
CA GLY C 81 12.17 2.31 24.36
C GLY C 81 12.16 2.64 25.84
N THR C 82 10.98 3.00 26.36
CA THR C 82 10.79 3.30 27.78
C THR C 82 10.31 2.05 28.53
N THR C 83 10.08 2.20 29.84
CA THR C 83 9.60 1.10 30.67
C THR C 83 8.12 0.75 30.43
N THR C 84 7.47 1.51 29.54
CA THR C 84 6.08 1.25 29.17
C THR C 84 5.95 -0.10 28.49
N ARG C 85 4.89 -0.81 28.86
CA ARG C 85 4.56 -2.07 28.22
C ARG C 85 3.19 -1.97 27.57
N SER C 86 3.02 -2.72 26.48
CA SER C 86 1.74 -2.78 25.78
C SER C 86 0.62 -3.36 26.64
N VAL C 87 -0.61 -3.10 26.22
CA VAL C 87 -1.82 -3.69 26.76
C VAL C 87 -2.42 -4.59 25.69
N ALA C 88 -2.93 -5.74 26.11
CA ALA C 88 -3.66 -6.66 25.23
C ALA C 88 -5.03 -6.94 25.83
N VAL C 89 -6.09 -6.69 25.08
CA VAL C 89 -7.46 -6.80 25.61
C VAL C 89 -8.33 -7.67 24.72
N ARG C 90 -9.20 -8.45 25.34
CA ARG C 90 -10.25 -9.11 24.60
C ARG C 90 -11.51 -8.27 24.76
N ILE C 91 -12.00 -7.76 23.64
CA ILE C 91 -13.19 -6.89 23.69
C ILE C 91 -14.47 -7.72 23.89
N LYS C 92 -15.50 -7.07 24.42
CA LYS C 92 -16.77 -7.75 24.67
C LYS C 92 -17.69 -7.76 23.45
N GLN C 93 -18.30 -6.63 23.13
CA GLN C 93 -19.24 -6.56 22.02
C GLN C 93 -18.50 -6.25 20.73
N ALA C 94 -18.76 -7.03 19.67
CA ALA C 94 -18.26 -6.67 18.34
C ALA C 94 -18.87 -5.34 17.89
N ALA C 95 -20.10 -5.07 18.35
CA ALA C 95 -20.81 -3.81 18.10
C ALA C 95 -21.21 -3.50 16.65
N LYS C 96 -22.51 -3.32 16.45
CA LYS C 96 -23.02 -2.85 15.16
C LYS C 96 -22.48 -1.45 14.83
N GLY C 97 -22.42 -1.11 13.55
CA GLY C 97 -21.96 0.21 13.10
C GLY C 97 -22.75 0.67 11.90
N GLY C 98 -22.27 1.74 11.26
CA GLY C 98 -22.94 2.29 10.08
C GLY C 98 -23.79 3.51 10.38
N ALA C 99 -24.35 4.12 9.32
CA ALA C 99 -25.29 5.23 9.46
C ALA C 99 -26.53 4.86 10.31
N ARG C 100 -26.95 3.59 10.21
CA ARG C 100 -28.15 3.03 10.87
C ARG C 100 -27.84 2.32 12.18
N GLY C 101 -26.80 1.49 12.17
CA GLY C 101 -26.48 0.63 13.31
C GLY C 101 -26.93 -0.79 12.99
N GLN C 102 -26.13 -1.46 12.17
CA GLN C 102 -26.45 -2.82 11.71
C GLN C 102 -25.21 -3.71 11.75
N TRP C 103 -25.43 -5.02 11.65
CA TRP C 103 -24.36 -5.99 11.37
C TRP C 103 -23.90 -5.90 9.92
N ALA C 104 -22.62 -6.17 9.69
CA ALA C 104 -22.02 -6.11 8.36
C ALA C 104 -22.20 -7.42 7.58
N GLY C 105 -22.23 -7.32 6.26
CA GLY C 105 -22.37 -8.51 5.41
C GLY C 105 -23.67 -8.63 4.61
N SER C 106 -23.68 -9.64 3.74
CA SER C 106 -24.85 -10.02 2.93
C SER C 106 -26.06 -10.49 3.75
N GLY C 107 -27.24 -10.51 3.11
CA GLY C 107 -28.50 -10.78 3.80
C GLY C 107 -28.77 -9.80 4.92
N ALA C 108 -29.12 -10.33 6.09
CA ALA C 108 -29.35 -9.53 7.28
C ALA C 108 -28.05 -9.21 8.03
N GLY C 109 -26.90 -9.56 7.45
CA GLY C 109 -25.60 -9.37 8.08
C GLY C 109 -25.12 -10.59 8.85
N PHE C 110 -23.89 -10.52 9.34
CA PHE C 110 -23.31 -11.59 10.12
C PHE C 110 -23.18 -11.15 11.57
N GLU C 111 -23.85 -11.87 12.48
CA GLU C 111 -23.70 -11.56 13.90
C GLU C 111 -22.37 -12.10 14.37
N ARG C 112 -21.75 -11.39 15.31
CA ARG C 112 -20.47 -11.81 15.86
C ARG C 112 -20.66 -12.14 17.34
N ALA C 113 -20.18 -13.32 17.73
CA ALA C 113 -20.19 -13.71 19.12
C ALA C 113 -19.36 -12.71 19.94
N GLU C 114 -19.68 -12.62 21.24
CA GLU C 114 -18.96 -11.72 22.14
C GLU C 114 -17.62 -12.31 22.56
N GLY C 115 -16.72 -11.43 22.98
CA GLY C 115 -15.37 -11.82 23.33
C GLY C 115 -14.60 -12.48 22.21
N SER C 116 -14.77 -11.97 20.99
CA SER C 116 -14.26 -12.67 19.80
C SER C 116 -13.05 -12.04 19.11
N TYR C 117 -12.57 -10.93 19.67
CA TYR C 117 -11.46 -10.18 19.08
C TYR C 117 -10.52 -9.69 20.16
N ILE C 118 -9.24 -9.63 19.80
CA ILE C 118 -8.19 -9.17 20.69
C ILE C 118 -7.59 -7.93 20.05
N TYR C 119 -7.44 -6.86 20.83
CA TYR C 119 -6.62 -5.73 20.42
C TYR C 119 -5.32 -5.77 21.22
N ILE C 120 -4.20 -5.55 20.57
CA ILE C 120 -2.92 -5.39 21.23
C ILE C 120 -2.30 -4.09 20.73
N ALA C 121 -1.95 -3.23 21.68
CA ALA C 121 -1.58 -1.86 21.39
C ALA C 121 -0.74 -1.28 22.51
N PRO C 122 -0.02 -0.17 22.23
CA PRO C 122 0.60 0.58 23.31
C PRO C 122 -0.45 1.07 24.31
N ASN C 123 -0.08 1.08 25.59
CA ASN C 123 -0.94 1.61 26.64
C ASN C 123 -0.79 3.14 26.71
N ASN C 124 -1.23 3.80 25.65
CA ASN C 124 -1.03 5.23 25.48
C ASN C 124 -2.31 5.95 25.10
N GLY C 125 -3.43 5.23 25.18
CA GLY C 125 -4.76 5.79 24.91
C GLY C 125 -5.32 5.45 23.54
N LEU C 126 -4.58 4.66 22.76
CA LEU C 126 -4.95 4.38 21.37
C LEU C 126 -6.25 3.57 21.30
N LEU C 127 -6.46 2.72 22.31
CA LEU C 127 -7.66 1.88 22.37
C LEU C 127 -8.85 2.52 23.08
N THR C 128 -8.76 3.80 23.41
CA THR C 128 -9.83 4.51 24.14
C THR C 128 -11.25 4.27 23.60
N THR C 129 -11.44 4.51 22.31
CA THR C 129 -12.78 4.41 21.70
C THR C 129 -13.18 2.95 21.45
N VAL C 130 -12.19 2.10 21.19
CA VAL C 130 -12.39 0.66 21.12
C VAL C 130 -13.01 0.15 22.44
N LEU C 131 -12.42 0.56 23.57
CA LEU C 131 -12.90 0.09 24.87
C LEU C 131 -14.28 0.67 25.20
N GLU C 132 -14.47 1.92 24.82
CA GLU C 132 -15.73 2.64 25.01
C GLU C 132 -16.89 1.99 24.26
N GLU C 133 -16.66 1.75 22.97
CA GLU C 133 -17.69 1.26 22.06
C GLU C 133 -17.85 -0.26 22.06
N HIS C 134 -16.84 -0.98 22.54
CA HIS C 134 -16.88 -2.44 22.56
C HIS C 134 -16.93 -3.05 23.96
N GLY C 135 -16.42 -2.32 24.96
CA GLY C 135 -16.17 -2.90 26.28
C GLY C 135 -15.09 -3.96 26.20
N TYR C 136 -14.66 -4.49 27.35
CA TYR C 136 -13.71 -5.60 27.35
C TYR C 136 -14.06 -6.64 28.42
N LEU C 137 -13.55 -7.85 28.25
CA LEU C 137 -13.75 -8.92 29.21
C LEU C 137 -12.48 -9.13 30.02
N GLU C 138 -11.32 -8.82 29.42
CA GLU C 138 -10.03 -8.99 30.08
C GLU C 138 -8.96 -8.12 29.44
N ALA C 139 -8.03 -7.62 30.26
CA ALA C 139 -6.95 -6.76 29.79
C ALA C 139 -5.64 -7.09 30.51
N TYR C 140 -4.56 -7.26 29.73
CA TYR C 140 -3.30 -7.72 30.29
C TYR C 140 -2.11 -6.85 29.90
N GLU C 141 -1.16 -6.74 30.82
CA GLU C 141 0.11 -6.10 30.52
C GLU C 141 0.95 -7.07 29.71
N VAL C 142 1.55 -6.61 28.63
CA VAL C 142 2.34 -7.49 27.76
C VAL C 142 3.82 -7.46 28.17
N THR C 143 4.24 -8.45 28.97
CA THR C 143 5.60 -8.46 29.52
C THR C 143 6.39 -9.76 29.34
N SER C 144 5.69 -10.84 28.99
CA SER C 144 6.31 -12.16 28.94
C SER C 144 7.32 -12.33 27.80
N PRO C 145 8.54 -12.82 28.13
CA PRO C 145 9.58 -13.09 27.13
C PRO C 145 9.16 -14.15 26.11
N LYS C 146 8.10 -14.89 26.44
CA LYS C 146 7.46 -15.83 25.52
C LYS C 146 6.81 -15.12 24.32
N VAL C 147 6.45 -13.85 24.48
CA VAL C 147 5.74 -13.11 23.42
C VAL C 147 6.42 -11.82 22.94
N ILE C 148 7.38 -11.30 23.69
CA ILE C 148 8.16 -10.12 23.29
C ILE C 148 9.66 -10.44 23.42
N PRO C 149 10.54 -9.63 22.79
CA PRO C 149 11.97 -9.89 22.95
C PRO C 149 12.50 -9.63 24.38
N GLU C 150 13.42 -10.49 24.84
CA GLU C 150 14.15 -10.24 26.08
C GLU C 150 14.90 -8.91 26.04
N GLN C 151 15.42 -8.55 24.88
CA GLN C 151 16.12 -7.28 24.68
C GLN C 151 15.53 -6.56 23.47
N PRO C 152 14.45 -5.80 23.71
CA PRO C 152 13.68 -5.20 22.63
C PRO C 152 14.43 -4.03 22.02
N GLU C 153 14.30 -3.87 20.72
CA GLU C 153 14.87 -2.73 20.00
C GLU C 153 14.26 -1.45 20.56
N PRO C 154 15.10 -0.53 21.07
CA PRO C 154 14.62 0.66 21.78
C PRO C 154 13.71 1.55 20.94
N THR C 155 14.03 1.70 19.66
CA THR C 155 13.25 2.58 18.78
C THR C 155 12.21 1.86 17.93
N PHE C 156 11.95 0.58 18.18
CA PHE C 156 10.98 -0.17 17.37
C PHE C 156 10.02 -1.00 18.22
N TYR C 157 9.29 -0.36 19.12
CA TYR C 157 8.38 -1.07 20.02
C TYR C 157 7.08 -1.48 19.31
N SER C 158 6.75 -0.78 18.21
CA SER C 158 5.62 -1.17 17.34
C SER C 158 5.79 -2.59 16.78
N ARG C 159 7.05 -2.99 16.60
CA ARG C 159 7.41 -4.33 16.18
C ARG C 159 7.55 -5.26 17.38
N GLU C 160 8.37 -4.84 18.35
CA GLU C 160 8.74 -5.63 19.53
C GLU C 160 7.58 -5.92 20.48
N MET C 161 6.75 -4.89 20.70
CA MET C 161 5.70 -4.90 21.73
C MET C 161 4.28 -5.01 21.18
N VAL C 162 4.12 -4.98 19.87
CA VAL C 162 2.81 -5.11 19.22
C VAL C 162 2.83 -6.23 18.15
N ALA C 163 3.67 -6.08 17.14
CA ALA C 163 3.69 -7.00 16.00
C ALA C 163 4.07 -8.43 16.39
N ILE C 164 5.18 -8.56 17.11
CA ILE C 164 5.66 -9.84 17.60
C ILE C 164 4.62 -10.53 18.53
N PRO C 165 4.18 -9.87 19.63
CA PRO C 165 3.19 -10.56 20.45
C PRO C 165 1.83 -10.79 19.79
N SER C 166 1.45 -9.97 18.83
CA SER C 166 0.21 -10.20 18.10
C SER C 166 0.23 -11.53 17.34
N ALA C 167 1.38 -11.87 16.76
CA ALA C 167 1.54 -13.14 16.02
C ALA C 167 1.47 -14.36 16.93
N HIS C 168 2.01 -14.25 18.14
CA HIS C 168 1.87 -15.30 19.14
C HIS C 168 0.40 -15.50 19.49
N LEU C 169 -0.33 -14.41 19.67
CA LEU C 169 -1.76 -14.47 20.02
C LEU C 169 -2.61 -15.03 18.90
N ALA C 170 -2.29 -14.66 17.67
CA ALA C 170 -2.85 -15.32 16.49
C ALA C 170 -2.55 -16.84 16.48
N ALA C 171 -1.36 -17.24 16.92
CA ALA C 171 -0.94 -18.65 16.94
C ALA C 171 -1.56 -19.46 18.09
N GLY C 172 -2.37 -18.80 18.91
CA GLY C 172 -3.08 -19.49 19.97
C GLY C 172 -2.38 -19.46 21.31
N PHE C 173 -1.45 -18.54 21.49
CA PHE C 173 -0.86 -18.31 22.81
C PHE C 173 -1.95 -17.71 23.72
N PRO C 174 -2.12 -18.29 24.94
CA PRO C 174 -3.12 -17.83 25.91
C PRO C 174 -2.95 -16.36 26.28
N LEU C 175 -4.01 -15.59 26.06
CA LEU C 175 -3.98 -14.15 26.29
C LEU C 175 -3.58 -13.82 27.74
N SER C 176 -4.14 -14.53 28.69
CA SER C 176 -3.87 -14.35 30.12
C SER C 176 -2.42 -14.62 30.56
N GLU C 177 -1.62 -15.18 29.64
CA GLU C 177 -0.23 -15.55 29.93
C GLU C 177 0.81 -14.55 29.41
N VAL C 178 0.35 -13.45 28.81
CA VAL C 178 1.26 -12.38 28.31
C VAL C 178 1.81 -11.51 29.44
N GLY C 179 1.07 -11.41 30.55
CA GLY C 179 1.47 -10.65 31.71
C GLY C 179 0.31 -10.53 32.68
N ARG C 180 0.53 -9.77 33.76
CA ARG C 180 -0.46 -9.62 34.82
C ARG C 180 -1.73 -8.89 34.36
N PRO C 181 -2.88 -9.16 35.02
CA PRO C 181 -4.07 -8.39 34.66
C PRO C 181 -3.87 -6.89 34.94
N LEU C 182 -4.42 -6.06 34.05
CA LEU C 182 -4.44 -4.62 34.27
C LEU C 182 -5.83 -4.22 34.78
N GLU C 183 -5.84 -3.45 35.87
CA GLU C 183 -7.08 -2.82 36.34
C GLU C 183 -7.48 -1.75 35.33
N ASP C 184 -8.73 -1.31 35.40
CA ASP C 184 -9.29 -0.37 34.43
C ASP C 184 -8.59 0.99 34.46
N HIS C 185 -8.17 1.41 35.65
CA HIS C 185 -7.54 2.71 35.83
C HIS C 185 -6.08 2.73 35.34
N GLU C 186 -5.57 1.54 35.00
CA GLU C 186 -4.19 1.41 34.52
C GLU C 186 -4.16 1.41 33.00
N ILE C 187 -5.34 1.39 32.41
CA ILE C 187 -5.48 1.47 30.96
C ILE C 187 -5.62 2.94 30.61
N VAL C 188 -4.61 3.48 29.93
CA VAL C 188 -4.58 4.89 29.57
C VAL C 188 -5.66 5.25 28.54
N ARG C 189 -6.31 6.38 28.77
CA ARG C 189 -7.37 6.90 27.93
C ARG C 189 -7.02 8.31 27.46
N PHE C 190 -7.55 8.73 26.32
CA PHE C 190 -7.63 10.16 26.02
C PHE C 190 -9.05 10.66 26.28
N ASN C 191 -9.19 11.97 26.50
CA ASN C 191 -10.50 12.59 26.56
C ASN C 191 -10.93 12.96 25.16
N ARG C 192 -12.10 12.49 24.75
CA ARG C 192 -12.67 12.98 23.50
C ARG C 192 -13.66 14.07 23.85
N PRO C 193 -13.39 15.31 23.37
CA PRO C 193 -14.28 16.44 23.58
C PRO C 193 -15.72 16.10 23.19
N ALA C 194 -16.67 16.61 23.98
CA ALA C 194 -18.08 16.34 23.76
C ALA C 194 -18.66 17.30 22.72
N VAL C 195 -19.81 16.92 22.16
CA VAL C 195 -20.56 17.77 21.26
C VAL C 195 -21.43 18.66 22.15
N GLU C 196 -21.14 19.96 22.12
CA GLU C 196 -21.83 20.89 23.00
C GLU C 196 -23.08 21.48 22.36
N GLN C 197 -23.87 22.16 23.17
CA GLN C 197 -25.05 22.86 22.67
C GLN C 197 -24.95 24.35 22.94
N ASP C 198 -24.80 25.12 21.87
CA ASP C 198 -24.95 26.57 21.91
C ASP C 198 -26.42 26.79 21.55
N GLY C 199 -27.23 27.15 22.56
CA GLY C 199 -28.68 27.21 22.40
C GLY C 199 -29.21 25.89 21.84
N GLU C 200 -29.69 25.92 20.60
CA GLU C 200 -30.24 24.73 19.95
C GLU C 200 -29.32 24.12 18.86
N ALA C 201 -28.29 24.88 18.47
CA ALA C 201 -27.25 24.40 17.56
C ALA C 201 -26.34 23.36 18.22
N LEU C 202 -25.85 22.41 17.41
CA LEU C 202 -24.86 21.44 17.87
C LEU C 202 -23.45 21.87 17.47
N VAL C 203 -22.58 21.99 18.46
CA VAL C 203 -21.24 22.50 18.24
C VAL C 203 -20.20 21.40 18.46
N GLY C 204 -19.64 20.92 17.36
CA GLY C 204 -18.61 19.91 17.42
C GLY C 204 -17.42 20.36 16.63
N VAL C 205 -16.80 19.41 15.96
CA VAL C 205 -15.55 19.64 15.28
C VAL C 205 -15.48 18.81 13.98
N VAL C 206 -14.70 19.26 13.00
CA VAL C 206 -14.33 18.38 11.88
C VAL C 206 -13.37 17.33 12.44
N SER C 207 -13.81 16.07 12.47
CA SER C 207 -12.97 14.99 12.97
C SER C 207 -12.01 14.45 11.91
N ALA C 208 -12.40 14.51 10.63
CA ALA C 208 -11.54 14.04 9.54
C ALA C 208 -11.94 14.57 8.17
N ILE C 209 -10.93 14.73 7.34
CA ILE C 209 -11.15 14.86 5.91
C ILE C 209 -11.11 13.43 5.38
N ASP C 210 -12.12 13.09 4.61
CA ASP C 210 -12.31 11.73 4.14
C ASP C 210 -11.65 11.57 2.78
N HIS C 211 -10.38 11.17 2.80
CA HIS C 211 -9.59 10.98 1.60
C HIS C 211 -9.99 9.65 0.93
N PRO C 212 -9.87 9.56 -0.41
CA PRO C 212 -9.39 10.58 -1.36
C PRO C 212 -10.48 11.50 -1.91
N PHE C 213 -11.65 11.48 -1.29
CA PHE C 213 -12.82 12.17 -1.85
C PHE C 213 -12.89 13.63 -1.43
N GLY C 214 -12.29 13.95 -0.29
CA GLY C 214 -12.37 15.28 0.26
C GLY C 214 -13.67 15.56 1.01
N ASN C 215 -14.35 14.51 1.46
CA ASN C 215 -15.56 14.70 2.22
C ASN C 215 -15.24 15.21 3.62
N VAL C 216 -16.18 15.90 4.25
CA VAL C 216 -15.91 16.41 5.59
C VAL C 216 -16.69 15.64 6.65
N TRP C 217 -15.95 15.07 7.60
CA TRP C 217 -16.53 14.28 8.70
C TRP C 217 -16.52 15.08 10.00
N THR C 218 -17.66 15.16 10.67
CA THR C 218 -17.74 15.79 12.00
C THR C 218 -17.81 14.74 13.11
N ASN C 219 -17.56 15.18 14.34
CA ASN C 219 -17.73 14.32 15.51
C ASN C 219 -19.17 14.30 16.02
N ILE C 220 -20.10 14.86 15.22
CA ILE C 220 -21.51 14.86 15.57
C ILE C 220 -22.16 13.56 15.10
N HIS C 221 -22.53 12.71 16.06
CA HIS C 221 -22.98 11.35 15.80
C HIS C 221 -24.49 11.34 15.55
N ARG C 222 -24.97 10.29 14.89
CA ARG C 222 -26.39 9.99 14.77
C ARG C 222 -27.17 10.23 16.07
N THR C 223 -26.60 9.79 17.20
CA THR C 223 -27.30 9.86 18.49
C THR C 223 -27.42 11.28 19.04
N ASP C 224 -26.51 12.16 18.62
CA ASP C 224 -26.59 13.59 18.94
C ASP C 224 -27.67 14.25 18.10
N LEU C 225 -27.73 13.86 16.83
CA LEU C 225 -28.81 14.30 15.94
C LEU C 225 -30.21 13.87 16.42
N GLU C 226 -30.36 12.61 16.81
CA GLU C 226 -31.67 12.10 17.19
C GLU C 226 -32.18 12.62 18.54
N LYS C 227 -31.27 13.03 19.41
CA LYS C 227 -31.67 13.67 20.67
C LYS C 227 -31.82 15.21 20.57
N ALA C 228 -31.54 15.76 19.40
CA ALA C 228 -31.84 17.15 19.09
C ALA C 228 -33.07 17.24 18.17
N GLY C 229 -33.67 16.08 17.88
CA GLY C 229 -34.82 15.98 16.99
C GLY C 229 -34.50 16.19 15.52
N ILE C 230 -33.24 15.97 15.15
CA ILE C 230 -32.81 16.13 13.75
C ILE C 230 -32.90 14.79 13.03
N GLY C 231 -33.78 14.70 12.05
CA GLY C 231 -33.96 13.48 11.26
C GLY C 231 -33.69 13.73 9.79
N TYR C 232 -33.80 12.68 8.98
CA TYR C 232 -33.57 12.77 7.54
C TYR C 232 -34.63 13.68 6.91
N GLY C 233 -34.20 14.60 6.06
CA GLY C 233 -35.12 15.56 5.47
C GLY C 233 -35.05 16.95 6.08
N ALA C 234 -34.63 17.04 7.34
CA ALA C 234 -34.41 18.32 8.03
C ALA C 234 -33.40 19.21 7.30
N ARG C 235 -33.81 20.45 7.07
CA ARG C 235 -32.99 21.45 6.40
C ARG C 235 -31.97 21.99 7.40
N LEU C 236 -30.69 21.84 7.07
CA LEU C 236 -29.65 22.18 8.03
C LEU C 236 -28.72 23.27 7.52
N ARG C 237 -28.33 24.17 8.41
CA ARG C 237 -27.21 25.03 8.15
C ARG C 237 -26.00 24.50 8.93
N LEU C 238 -24.93 24.22 8.21
CA LEU C 238 -23.70 23.73 8.77
C LEU C 238 -22.57 24.71 8.41
N THR C 239 -21.91 25.23 9.43
CA THR C 239 -20.86 26.23 9.27
C THR C 239 -19.55 25.57 9.69
N LEU C 240 -18.53 25.69 8.85
CA LEU C 240 -17.22 25.12 9.14
C LEU C 240 -16.21 26.22 9.41
N ASP C 241 -15.35 26.00 10.41
CA ASP C 241 -14.21 26.89 10.71
C ASP C 241 -14.66 28.26 11.19
N GLY C 242 -15.93 28.35 11.57
CA GLY C 242 -16.51 29.59 12.05
C GLY C 242 -16.84 30.61 10.97
N VAL C 243 -16.58 30.30 9.69
CA VAL C 243 -16.95 31.25 8.63
C VAL C 243 -17.65 30.70 7.38
N LEU C 244 -17.31 29.49 6.94
CA LEU C 244 -17.91 28.90 5.73
C LEU C 244 -19.25 28.21 5.98
N PRO C 245 -20.37 28.86 5.58
CA PRO C 245 -21.70 28.25 5.77
C PRO C 245 -22.12 27.37 4.58
N PHE C 246 -22.87 26.30 4.89
CA PHE C 246 -23.41 25.36 3.90
C PHE C 246 -24.83 25.00 4.31
N GLU C 247 -25.71 24.81 3.33
CA GLU C 247 -27.12 24.51 3.62
C GLU C 247 -27.67 23.36 2.78
N ALA C 248 -28.34 22.43 3.44
CA ALA C 248 -28.91 21.25 2.78
C ALA C 248 -29.79 20.43 3.74
N PRO C 249 -30.78 19.70 3.19
CA PRO C 249 -31.47 18.64 3.92
C PRO C 249 -30.50 17.56 4.36
N LEU C 250 -30.79 16.90 5.48
CA LEU C 250 -30.07 15.67 5.84
C LEU C 250 -30.61 14.57 4.96
N THR C 251 -29.70 13.91 4.24
CA THR C 251 -30.06 12.83 3.31
C THR C 251 -29.16 11.60 3.55
N PRO C 252 -29.65 10.41 3.20
CA PRO C 252 -28.84 9.17 3.22
C PRO C 252 -27.53 9.18 2.43
N THR C 253 -27.52 9.81 1.25
CA THR C 253 -26.34 9.70 0.40
C THR C 253 -25.98 10.98 -0.41
N PHE C 254 -24.89 10.91 -1.19
CA PHE C 254 -24.37 12.03 -1.97
C PHE C 254 -25.28 12.35 -3.15
N ALA C 255 -25.79 11.33 -3.82
CA ALA C 255 -26.62 11.51 -5.03
C ALA C 255 -27.97 12.18 -4.75
N ASP C 256 -28.40 12.14 -3.49
CA ASP C 256 -29.60 12.85 -3.05
C ASP C 256 -29.51 14.38 -3.27
N ALA C 257 -28.28 14.90 -3.31
CA ALA C 257 -27.99 16.32 -3.62
C ALA C 257 -28.42 16.80 -5.02
N GLY C 258 -28.49 15.88 -5.99
CA GLY C 258 -28.90 16.22 -7.36
C GLY C 258 -27.71 16.36 -8.31
N GLU C 259 -27.58 17.55 -8.91
CA GLU C 259 -26.48 17.87 -9.82
C GLU C 259 -25.12 17.51 -9.22
N ILE C 260 -24.17 17.11 -10.07
CA ILE C 260 -22.77 16.92 -9.66
C ILE C 260 -22.25 18.26 -9.08
N GLY C 261 -21.65 18.20 -7.90
CA GLY C 261 -21.11 19.41 -7.27
C GLY C 261 -21.95 20.01 -6.16
N ASN C 262 -23.23 19.67 -6.13
CA ASN C 262 -24.14 20.13 -5.10
C ASN C 262 -23.83 19.58 -3.71
N ILE C 263 -24.08 20.40 -2.70
CA ILE C 263 -23.89 20.04 -1.30
C ILE C 263 -24.79 18.86 -0.85
N ALA C 264 -24.16 17.85 -0.28
CA ALA C 264 -24.87 16.77 0.42
C ALA C 264 -24.50 16.86 1.91
N ILE C 265 -25.51 16.93 2.78
CA ILE C 265 -25.31 16.74 4.22
C ILE C 265 -25.88 15.36 4.54
N TYR C 266 -25.10 14.51 5.18
CA TYR C 266 -25.45 13.09 5.28
C TYR C 266 -24.87 12.46 6.55
N LEU C 267 -25.26 11.22 6.80
CA LEU C 267 -24.60 10.42 7.82
C LEU C 267 -23.63 9.48 7.13
N ASN C 268 -22.38 9.47 7.58
CA ASN C 268 -21.36 8.62 6.95
C ASN C 268 -21.46 7.15 7.39
N SER C 269 -20.69 6.29 6.73
CA SER C 269 -20.72 4.85 6.97
C SER C 269 -20.25 4.47 8.37
N ARG C 270 -19.75 5.46 9.10
CA ARG C 270 -19.28 5.28 10.46
C ARG C 270 -20.31 5.77 11.46
N GLY C 271 -21.34 6.46 10.96
CA GLY C 271 -22.49 6.92 11.77
C GLY C 271 -22.49 8.39 12.16
N TYR C 272 -21.62 9.18 11.52
CA TYR C 272 -21.39 10.58 11.92
C TYR C 272 -21.86 11.58 10.87
N LEU C 273 -22.44 12.69 11.33
CA LEU C 273 -22.79 13.82 10.46
C LEU C 273 -21.57 14.25 9.65
N SER C 274 -21.74 14.25 8.34
CA SER C 274 -20.70 14.55 7.38
C SER C 274 -21.26 15.51 6.34
N ILE C 275 -20.39 16.09 5.53
CA ILE C 275 -20.80 17.01 4.48
C ILE C 275 -19.89 16.86 3.25
N ALA C 276 -20.48 17.00 2.06
CA ALA C 276 -19.79 16.64 0.82
C ALA C 276 -20.34 17.41 -0.36
N ARG C 277 -19.60 17.37 -1.48
CA ARG C 277 -20.16 17.73 -2.77
C ARG C 277 -20.47 16.39 -3.41
N ASN C 278 -21.53 16.33 -4.22
CA ASN C 278 -21.86 15.11 -4.92
C ASN C 278 -20.91 14.85 -6.08
N ALA C 279 -20.09 13.81 -5.94
CA ALA C 279 -19.08 13.41 -6.94
C ALA C 279 -18.20 14.60 -7.35
N ALA C 280 -17.90 15.42 -6.34
CA ALA C 280 -16.90 16.46 -6.42
C ALA C 280 -16.30 16.59 -5.01
N SER C 281 -15.09 17.14 -4.91
CA SER C 281 -14.45 17.34 -3.60
C SER C 281 -14.93 18.61 -2.92
N LEU C 282 -15.29 18.49 -1.65
CA LEU C 282 -15.62 19.66 -0.86
C LEU C 282 -14.38 20.27 -0.21
N ALA C 283 -13.58 19.41 0.43
CA ALA C 283 -12.48 19.86 1.29
C ALA C 283 -11.31 20.49 0.54
N TYR C 284 -10.95 19.90 -0.59
CA TYR C 284 -9.70 20.24 -1.26
C TYR C 284 -9.67 21.64 -1.83
N PRO C 285 -10.69 22.02 -2.61
CA PRO C 285 -10.76 23.41 -3.10
C PRO C 285 -10.78 24.49 -2.00
N TYR C 286 -11.42 24.20 -0.87
CA TYR C 286 -11.51 25.17 0.22
C TYR C 286 -10.49 24.94 1.32
N HIS C 287 -9.61 23.96 1.11
CA HIS C 287 -8.52 23.71 2.04
C HIS C 287 -9.05 23.47 3.46
N LEU C 288 -10.12 22.70 3.53
CA LEU C 288 -10.79 22.40 4.78
C LEU C 288 -9.97 21.37 5.55
N LYS C 289 -9.99 21.48 6.88
CA LYS C 289 -9.03 20.72 7.70
C LYS C 289 -9.70 20.08 8.90
N GLU C 290 -9.16 18.92 9.28
CA GLU C 290 -9.44 18.28 10.58
C GLU C 290 -9.16 19.31 11.68
N GLY C 291 -10.01 19.34 12.71
CA GLY C 291 -9.82 20.25 13.82
C GLY C 291 -10.59 21.57 13.70
N MET C 292 -11.07 21.88 12.50
CA MET C 292 -11.92 23.06 12.30
C MET C 292 -13.26 22.84 13.00
N SER C 293 -13.87 23.91 13.51
CA SER C 293 -15.16 23.78 14.17
C SER C 293 -16.28 23.42 13.19
N ALA C 294 -17.27 22.69 13.68
CA ALA C 294 -18.48 22.38 12.92
C ALA C 294 -19.69 22.66 13.79
N ARG C 295 -20.52 23.59 13.33
CA ARG C 295 -21.79 23.87 13.97
C ARG C 295 -22.91 23.48 13.01
N VAL C 296 -23.98 22.92 13.55
CA VAL C 296 -25.14 22.58 12.74
C VAL C 296 -26.45 23.05 13.38
N GLU C 297 -27.32 23.65 12.56
CA GLU C 297 -28.62 24.12 13.02
C GLU C 297 -29.74 23.73 12.06
N ALA C 298 -30.92 23.50 12.64
CA ALA C 298 -32.14 23.28 11.87
C ALA C 298 -32.75 24.62 11.46
N SA8 D . 3.95 1.20 -15.12
CA SA8 D . 4.90 0.35 -15.87
C SA8 D . 4.15 -0.45 -16.96
O SA8 D . 2.96 -0.73 -16.73
OXT SA8 D . 4.77 -0.73 -18.02
CB SA8 D . 5.66 -0.59 -14.90
CG SA8 D . 6.93 -1.22 -15.53
ND SA8 D . 8.19 -0.50 -15.23
CE SA8 D . 8.29 0.39 -16.37
C5' SA8 D . 9.28 -1.51 -15.23
C4' SA8 D . 10.75 -1.02 -14.96
O4' SA8 D . 11.11 -0.04 -15.97
C3' SA8 D . 10.97 -0.32 -13.62
O3' SA8 D . 11.57 -1.21 -12.68
C2' SA8 D . 11.89 0.87 -13.93
O2' SA8 D . 13.10 0.81 -13.17
C1' SA8 D . 12.16 0.78 -15.44
N9 SA8 D . 11.90 2.09 -16.12
C8 SA8 D . 10.71 2.70 -16.20
N7 SA8 D . 10.86 3.84 -16.86
C5 SA8 D . 12.13 3.96 -17.20
C6 SA8 D . 12.85 4.93 -17.90
N6 SA8 D . 12.26 6.02 -18.39
N1 SA8 D . 14.16 4.72 -18.08
C2 SA8 D . 14.78 3.64 -17.63
N3 SA8 D . 14.12 2.72 -16.96
C4 SA8 D . 12.80 2.84 -16.74
CL CL E . 11.83 21.53 -0.72
CL CL F . 11.04 -28.34 -11.98
CL CL G . 12.53 10.55 -11.06
CL CL H . 1.03 21.14 -11.61
N SA8 I . -13.80 6.35 3.59
CA SA8 I . -15.16 5.96 3.21
C SA8 I . -15.97 5.50 4.46
O SA8 I . -15.31 5.07 5.45
OXT SA8 I . -17.21 5.57 4.39
CB SA8 I . -15.06 4.84 2.17
CG SA8 I . -16.35 4.54 1.39
ND SA8 I . -16.46 5.18 0.08
CE SA8 I . -17.19 6.41 0.38
C5' SA8 I . -17.34 4.32 -0.74
C4' SA8 I . -17.74 4.79 -2.17
O4' SA8 I . -18.45 6.07 -2.11
C3' SA8 I . -16.51 5.01 -3.08
O3' SA8 I . -16.46 3.99 -4.08
C2' SA8 I . -16.71 6.40 -3.73
O2' SA8 I . -16.73 6.29 -5.16
C1' SA8 I . -18.08 6.89 -3.25
N9 SA8 I . -17.99 8.35 -2.86
C8 SA8 I . -17.21 8.85 -1.91
N7 SA8 I . -17.39 10.16 -1.85
C5 SA8 I . -18.29 10.51 -2.75
C6 SA8 I . -18.86 11.73 -3.13
N6 SA8 I . -18.53 12.87 -2.53
N1 SA8 I . -19.78 11.75 -4.11
C2 SA8 I . -20.13 10.61 -4.71
N3 SA8 I . -19.60 9.43 -4.37
C4 SA8 I . -18.67 9.36 -3.41
N SA8 J . 11.47 3.64 10.15
CA SA8 J . 11.59 3.18 11.54
C SA8 J . 12.79 2.24 11.67
O SA8 J . 13.12 1.60 10.64
OXT SA8 J . 13.37 2.19 12.78
CB SA8 J . 10.31 2.44 11.95
CG SA8 J . 10.25 2.27 13.49
ND SA8 J . 9.44 3.31 14.16
CE SA8 J . 10.41 4.33 14.50
C5' SA8 J . 8.88 2.67 15.37
C4' SA8 J . 8.03 3.59 16.32
O4' SA8 J . 8.85 4.70 16.82
C3' SA8 J . 6.87 4.21 15.56
O3' SA8 J . 5.66 3.54 15.93
C2' SA8 J . 6.87 5.69 15.99
O2' SA8 J . 5.60 6.05 16.61
C1' SA8 J . 8.03 5.86 16.98
N9 SA8 J . 8.82 7.12 16.64
C8 SA8 J . 9.46 7.36 15.50
N7 SA8 J . 10.04 8.55 15.54
C5 SA8 J . 9.79 9.09 16.74
C6 SA8 J . 10.12 10.30 17.34
N6 SA8 J . 10.87 11.20 16.71
N1 SA8 J . 9.69 10.55 18.60
C2 SA8 J . 8.95 9.65 19.25
N3 SA8 J . 8.61 8.50 18.69
C4 SA8 J . 9.01 8.18 17.43
CL CL K . 13.11 -0.56 29.20
CL CL L . -2.85 24.46 3.19
#